data_4U6I
#
_entry.id   4U6I
#
_cell.length_a   88.230
_cell.length_b   88.230
_cell.length_c   252.010
_cell.angle_alpha   90.000
_cell.angle_beta   90.000
_cell.angle_gamma   90.000
#
_symmetry.space_group_name_H-M   'P 43 21 2'
#
loop_
_entity.id
_entity.type
_entity.pdbx_description
1 polymer 'Ethanolamine utilization protein EutL'
2 non-polymer 'SODIUM ION'
3 non-polymer COBALAMIN
4 water water
#
_entity_poly.entity_id   1
_entity_poly.type   'polypeptide(L)'
_entity_poly.pdbx_seq_one_letter_code
;MKNDLIRPNVLSVKIISNVSPEMAKKLELEPHHKSLGLITADCDDVTYTALDEATKAAEVDVVYARSMYAGAGNASTKLA
GEVIGILAGPSPAEVRSGLNATLDFIDSGVGFVSANEDDSICYYAQCVSRTGSYLSKTAGIREGEALAYLVAPPLEAMYA
LDAALKAADVEMCEFFAPPTETNFAGALLTGSQSACKAACDAFAEAVQSVASNPLGFLEHHHHHH
;
_entity_poly.pdbx_strand_id   A,B,C
#
loop_
_chem_comp.id
_chem_comp.type
_chem_comp.name
_chem_comp.formula
B12 non-polymer COBALAMIN 'C62 H89 Co N13 O14 P 2'
NA non-polymer 'SODIUM ION' 'Na 1'
#
# COMPACT_ATOMS: atom_id res chain seq x y z
N MET A 1 10.58 26.44 2.24
CA MET A 1 10.18 27.68 1.52
C MET A 1 9.90 27.38 0.05
N LYS A 2 8.98 28.13 -0.54
CA LYS A 2 8.61 27.94 -1.94
C LYS A 2 9.83 27.99 -2.85
N ASN A 3 9.81 27.14 -3.89
CA ASN A 3 10.88 27.03 -4.88
C ASN A 3 12.21 26.49 -4.33
N ASP A 4 12.24 26.12 -3.05
CA ASP A 4 13.41 25.43 -2.50
C ASP A 4 13.53 24.04 -3.11
N LEU A 5 14.76 23.58 -3.23
CA LEU A 5 15.02 22.23 -3.74
C LEU A 5 15.09 21.22 -2.60
N ILE A 6 14.20 20.24 -2.63
N ILE A 6 14.19 20.24 -2.62
CA ILE A 6 14.24 19.15 -1.67
CA ILE A 6 14.24 19.15 -1.66
C ILE A 6 15.37 18.19 -2.06
C ILE A 6 15.37 18.21 -2.07
N ARG A 7 16.44 18.19 -1.28
CA ARG A 7 17.60 17.39 -1.62
C ARG A 7 17.34 15.91 -1.37
N PRO A 8 17.51 15.07 -2.41
CA PRO A 8 17.35 13.64 -2.24
C PRO A 8 18.59 13.02 -1.59
N ASN A 9 18.44 11.89 -0.91
CA ASN A 9 19.56 11.27 -0.22
C ASN A 9 19.63 9.76 -0.43
N VAL A 10 20.83 9.28 -0.75
CA VAL A 10 21.08 7.85 -0.80
C VAL A 10 21.30 7.36 0.62
N LEU A 11 20.60 6.28 0.97
CA LEU A 11 20.64 5.76 2.34
C LEU A 11 21.56 4.56 2.47
N SER A 12 21.59 3.72 1.44
N SER A 12 21.59 3.71 1.45
CA SER A 12 22.40 2.51 1.46
CA SER A 12 22.43 2.53 1.47
C SER A 12 22.79 2.08 0.05
C SER A 12 22.79 2.07 0.06
N VAL A 13 23.98 1.49 -0.07
CA VAL A 13 24.48 0.98 -1.34
C VAL A 13 25.26 -0.31 -1.07
N LYS A 14 24.99 -1.34 -1.86
CA LYS A 14 25.69 -2.62 -1.71
C LYS A 14 25.86 -3.33 -3.04
N ILE A 15 26.92 -4.14 -3.12
CA ILE A 15 27.22 -4.92 -4.31
C ILE A 15 27.13 -6.41 -4.02
N ILE A 16 26.47 -7.13 -4.92
CA ILE A 16 26.49 -8.59 -4.93
C ILE A 16 27.34 -9.05 -6.10
N SER A 17 28.37 -9.83 -5.81
CA SER A 17 29.19 -10.45 -6.83
C SER A 17 28.84 -11.92 -6.95
N ASN A 18 28.79 -12.43 -8.18
CA ASN A 18 28.43 -13.81 -8.44
C ASN A 18 27.09 -14.17 -7.79
N VAL A 19 26.04 -13.50 -8.24
CA VAL A 19 24.69 -13.71 -7.72
C VAL A 19 24.32 -15.19 -7.81
N SER A 20 23.73 -15.71 -6.73
CA SER A 20 23.35 -17.11 -6.68
C SER A 20 22.30 -17.41 -7.74
N PRO A 21 22.29 -18.64 -8.27
CA PRO A 21 21.34 -19.02 -9.32
C PRO A 21 19.87 -18.82 -8.91
N GLU A 22 19.56 -19.09 -7.65
CA GLU A 22 18.19 -18.98 -7.16
C GLU A 22 17.69 -17.54 -7.20
N MET A 23 18.51 -16.61 -6.74
CA MET A 23 18.14 -15.19 -6.74
C MET A 23 18.09 -14.65 -8.16
N ALA A 24 19.00 -15.13 -9.01
CA ALA A 24 19.02 -14.72 -10.41
C ALA A 24 17.73 -15.15 -11.11
N LYS A 25 17.25 -16.35 -10.77
CA LYS A 25 16.03 -16.88 -11.36
C LYS A 25 14.81 -16.04 -11.01
N LYS A 26 14.74 -15.59 -9.76
CA LYS A 26 13.57 -14.86 -9.28
C LYS A 26 13.56 -13.41 -9.73
N LEU A 27 14.75 -12.86 -10.00
CA LEU A 27 14.85 -11.50 -10.53
C LEU A 27 14.87 -11.52 -12.05
N GLU A 28 14.75 -12.72 -12.63
CA GLU A 28 14.72 -12.89 -14.08
C GLU A 28 15.94 -12.28 -14.75
N LEU A 29 17.11 -12.49 -14.14
CA LEU A 29 18.35 -11.93 -14.67
C LEU A 29 18.76 -12.57 -15.99
N GLU A 30 19.46 -11.81 -16.80
CA GLU A 30 20.02 -12.31 -18.05
C GLU A 30 21.24 -13.17 -17.74
N PRO A 31 21.67 -14.01 -18.70
CA PRO A 31 22.83 -14.90 -18.47
C PRO A 31 24.11 -14.13 -18.13
N HIS A 32 24.27 -12.95 -18.71
N HIS A 32 24.26 -12.94 -18.70
CA HIS A 32 25.47 -12.13 -18.47
CA HIS A 32 25.46 -12.13 -18.48
C HIS A 32 25.39 -11.40 -17.13
C HIS A 32 25.37 -11.29 -17.21
N HIS A 33 24.19 -11.26 -16.59
CA HIS A 33 24.01 -10.57 -15.31
C HIS A 33 24.58 -11.41 -14.16
N LYS A 34 25.84 -11.15 -13.82
CA LYS A 34 26.55 -11.91 -12.80
C LYS A 34 26.64 -11.13 -11.49
N SER A 35 26.51 -9.80 -11.60
CA SER A 35 26.69 -8.92 -10.46
C SER A 35 25.50 -7.97 -10.33
N LEU A 36 25.19 -7.60 -9.09
CA LEU A 36 24.08 -6.68 -8.83
C LEU A 36 24.56 -5.48 -8.03
N GLY A 37 23.95 -4.33 -8.31
CA GLY A 37 24.18 -3.12 -7.54
C GLY A 37 22.89 -2.67 -6.89
N LEU A 38 22.87 -2.74 -5.56
CA LEU A 38 21.67 -2.41 -4.80
C LEU A 38 21.76 -0.98 -4.27
N ILE A 39 20.65 -0.26 -4.29
CA ILE A 39 20.59 1.10 -3.77
C ILE A 39 19.22 1.43 -3.22
N THR A 40 19.19 2.15 -2.10
CA THR A 40 17.95 2.70 -1.56
C THR A 40 18.13 4.19 -1.30
N ALA A 41 17.03 4.94 -1.38
CA ALA A 41 17.07 6.39 -1.22
C ALA A 41 15.74 6.88 -0.69
N ASP A 42 15.70 8.15 -0.28
CA ASP A 42 14.49 8.72 0.31
C ASP A 42 13.62 9.41 -0.75
N CYS A 43 13.96 9.22 -2.02
CA CYS A 43 13.20 9.82 -3.12
C CYS A 43 13.20 8.88 -4.32
N ASP A 44 12.03 8.33 -4.65
CA ASP A 44 11.97 7.27 -5.66
C ASP A 44 12.14 7.80 -7.08
N ASP A 45 11.44 8.87 -7.44
CA ASP A 45 11.42 9.34 -8.82
C ASP A 45 12.76 9.91 -9.28
N VAL A 46 13.48 10.56 -8.37
CA VAL A 46 14.83 11.01 -8.67
C VAL A 46 15.73 9.79 -8.86
N THR A 47 15.54 8.78 -8.03
CA THR A 47 16.32 7.55 -8.11
C THR A 47 16.03 6.83 -9.42
N TYR A 48 14.76 6.79 -9.81
CA TYR A 48 14.38 6.17 -11.07
C TYR A 48 15.05 6.88 -12.25
N THR A 49 15.13 8.21 -12.17
CA THR A 49 15.79 8.98 -13.22
C THR A 49 17.29 8.70 -13.21
N ALA A 50 17.86 8.61 -12.01
CA ALA A 50 19.30 8.38 -11.86
C ALA A 50 19.68 6.98 -12.32
N LEU A 51 18.79 6.02 -12.11
CA LEU A 51 19.03 4.65 -12.55
C LEU A 51 19.04 4.57 -14.07
N ASP A 52 18.09 5.26 -14.69
CA ASP A 52 18.03 5.33 -16.15
C ASP A 52 19.29 6.00 -16.69
N GLU A 53 19.78 6.99 -15.96
CA GLU A 53 21.00 7.69 -16.35
C GLU A 53 22.20 6.75 -16.30
N ALA A 54 22.17 5.84 -15.33
CA ALA A 54 23.28 4.91 -15.14
C ALA A 54 23.44 3.95 -16.31
N THR A 55 22.32 3.59 -16.92
CA THR A 55 22.34 2.65 -18.05
C THR A 55 23.05 3.25 -19.25
N LYS A 56 23.08 4.58 -19.32
CA LYS A 56 23.81 5.27 -20.38
C LYS A 56 25.29 5.32 -20.04
N ALA A 57 25.60 5.48 -18.76
CA ALA A 57 26.97 5.70 -18.31
C ALA A 57 27.75 4.41 -18.14
N ALA A 58 27.06 3.27 -18.08
CA ALA A 58 27.73 1.99 -17.86
C ALA A 58 26.96 0.83 -18.46
N GLU A 59 27.60 -0.33 -18.52
CA GLU A 59 27.00 -1.53 -19.07
C GLU A 59 26.16 -2.23 -18.01
N VAL A 60 25.12 -1.54 -17.55
CA VAL A 60 24.20 -2.09 -16.55
C VAL A 60 22.75 -1.98 -17.01
N ASP A 61 21.90 -2.86 -16.48
CA ASP A 61 20.47 -2.80 -16.73
C ASP A 61 19.71 -2.68 -15.41
N VAL A 62 18.64 -1.90 -15.43
CA VAL A 62 17.74 -1.82 -14.30
C VAL A 62 16.82 -3.03 -14.32
N VAL A 63 17.07 -3.99 -13.42
CA VAL A 63 16.32 -5.23 -13.40
C VAL A 63 15.24 -5.22 -12.31
N TYR A 64 15.31 -4.25 -11.41
CA TYR A 64 14.34 -4.15 -10.32
C TYR A 64 14.28 -2.72 -9.78
N ALA A 65 13.08 -2.19 -9.65
CA ALA A 65 12.90 -0.83 -9.15
C ALA A 65 11.48 -0.64 -8.63
N ARG A 66 11.35 -0.43 -7.32
CA ARG A 66 10.05 -0.36 -6.66
C ARG A 66 10.03 0.68 -5.54
N SER A 67 8.86 1.29 -5.33
CA SER A 67 8.70 2.31 -4.29
C SER A 67 8.06 1.72 -3.03
N MET A 68 8.30 2.38 -1.89
CA MET A 68 7.78 1.92 -0.61
C MET A 68 6.45 2.58 -0.27
N TYR A 69 5.56 1.80 0.34
CA TYR A 69 4.25 2.32 0.71
C TYR A 69 4.33 3.46 1.72
N ALA A 70 3.62 4.55 1.39
CA ALA A 70 3.46 5.72 2.26
C ALA A 70 4.70 6.63 2.32
N GLY A 71 5.72 6.31 1.56
CA GLY A 71 6.84 7.22 1.37
C GLY A 71 7.90 7.19 2.45
N ALA A 72 8.97 7.95 2.23
CA ALA A 72 10.16 7.92 3.07
C ALA A 72 9.91 8.44 4.48
N GLY A 73 8.95 9.34 4.62
CA GLY A 73 8.62 9.91 5.91
C GLY A 73 7.97 8.88 6.82
N ASN A 74 7.41 7.84 6.21
CA ASN A 74 6.73 6.78 6.95
C ASN A 74 7.54 5.48 6.96
N ALA A 75 8.82 5.57 6.60
CA ALA A 75 9.70 4.41 6.67
C ALA A 75 9.81 3.92 8.11
N SER A 76 9.78 2.60 8.30
CA SER A 76 9.85 2.02 9.63
C SER A 76 11.27 1.59 9.99
N THR A 77 12.15 1.54 9.00
CA THR A 77 13.55 1.20 9.22
C THR A 77 14.47 2.22 8.56
N LYS A 78 15.71 2.25 9.02
CA LYS A 78 16.68 3.28 8.65
C LYS A 78 17.02 3.32 7.15
N LEU A 79 17.16 2.14 6.54
CA LEU A 79 17.69 2.05 5.18
C LEU A 79 16.62 1.80 4.12
N ALA A 80 15.35 1.76 4.52
CA ALA A 80 14.28 1.45 3.59
C ALA A 80 14.00 2.59 2.62
N GLY A 81 14.07 3.83 3.12
CA GLY A 81 13.76 5.00 2.32
C GLY A 81 12.38 4.87 1.70
N GLU A 82 12.26 5.20 0.42
CA GLU A 82 11.02 4.96 -0.31
C GLU A 82 11.26 4.36 -1.68
N VAL A 83 12.45 3.81 -1.89
CA VAL A 83 12.76 3.15 -3.15
C VAL A 83 13.90 2.16 -2.99
N ILE A 84 13.81 1.05 -3.73
CA ILE A 84 14.94 0.15 -3.92
C ILE A 84 15.16 -0.02 -5.41
N GLY A 85 16.41 0.10 -5.84
CA GLY A 85 16.78 -0.09 -7.23
C GLY A 85 17.87 -1.14 -7.32
N ILE A 86 17.80 -1.98 -8.34
CA ILE A 86 18.83 -2.98 -8.58
C ILE A 86 19.36 -2.88 -10.00
N LEU A 87 20.67 -2.62 -10.10
CA LEU A 87 21.37 -2.65 -11.37
C LEU A 87 22.02 -4.01 -11.55
N ALA A 88 21.98 -4.54 -12.76
CA ALA A 88 22.62 -5.80 -13.09
C ALA A 88 23.68 -5.57 -14.17
N GLY A 89 24.86 -6.15 -13.97
CA GLY A 89 25.96 -5.99 -14.90
C GLY A 89 26.84 -7.23 -14.98
N PRO A 90 27.83 -7.21 -15.88
CA PRO A 90 28.72 -8.35 -16.11
C PRO A 90 29.78 -8.54 -15.03
N SER A 91 30.03 -7.51 -14.23
CA SER A 91 31.08 -7.57 -13.23
C SER A 91 30.87 -6.54 -12.13
N PRO A 92 31.59 -6.70 -11.00
CA PRO A 92 31.55 -5.69 -9.94
C PRO A 92 32.00 -4.32 -10.41
N ALA A 93 32.98 -4.27 -11.31
CA ALA A 93 33.48 -3.01 -11.85
C ALA A 93 32.34 -2.24 -12.52
N GLU A 94 31.67 -2.87 -13.48
CA GLU A 94 30.57 -2.22 -14.19
C GLU A 94 29.47 -1.78 -13.24
N VAL A 95 29.13 -2.63 -12.28
CA VAL A 95 28.09 -2.33 -11.30
C VAL A 95 28.49 -1.11 -10.45
N ARG A 96 29.73 -1.10 -9.99
CA ARG A 96 30.25 0.06 -9.25
C ARG A 96 30.13 1.32 -10.08
N SER A 97 30.48 1.21 -11.36
CA SER A 97 30.39 2.33 -12.27
C SER A 97 28.94 2.80 -12.40
N GLY A 98 28.03 1.83 -12.51
CA GLY A 98 26.61 2.13 -12.62
C GLY A 98 26.10 2.83 -11.37
N LEU A 99 26.50 2.34 -10.21
CA LEU A 99 26.10 2.92 -8.94
C LEU A 99 26.70 4.32 -8.76
N ASN A 100 27.95 4.50 -9.18
CA ASN A 100 28.59 5.80 -9.13
C ASN A 100 27.84 6.81 -10.00
N ALA A 101 27.50 6.39 -11.21
CA ALA A 101 26.74 7.23 -12.12
C ALA A 101 25.37 7.56 -11.53
N THR A 102 24.80 6.59 -10.81
CA THR A 102 23.51 6.78 -10.16
C THR A 102 23.66 7.81 -9.04
N LEU A 103 24.67 7.62 -8.19
CA LEU A 103 24.94 8.52 -7.08
C LEU A 103 25.20 9.94 -7.55
N ASP A 104 25.99 10.07 -8.62
CA ASP A 104 26.34 11.39 -9.15
C ASP A 104 25.08 12.13 -9.60
N PHE A 105 24.16 11.44 -10.25
CA PHE A 105 22.95 12.08 -10.74
C PHE A 105 22.02 12.49 -9.61
N ILE A 106 21.95 11.66 -8.58
CA ILE A 106 21.09 11.93 -7.43
C ILE A 106 21.57 13.19 -6.70
N ASP A 107 22.87 13.43 -6.72
CA ASP A 107 23.44 14.62 -6.09
C ASP A 107 23.78 15.70 -7.12
N SER A 108 23.20 15.59 -8.31
CA SER A 108 23.53 16.50 -9.41
C SER A 108 22.80 17.84 -9.31
N GLY A 109 21.77 17.89 -8.46
CA GLY A 109 21.00 19.10 -8.30
C GLY A 109 19.54 18.92 -8.69
N VAL A 110 19.22 17.76 -9.26
CA VAL A 110 17.84 17.42 -9.56
C VAL A 110 17.10 17.15 -8.26
N GLY A 111 15.76 17.20 -8.30
CA GLY A 111 14.96 16.88 -7.14
C GLY A 111 13.58 17.52 -7.15
N PHE A 112 12.76 17.13 -6.19
CA PHE A 112 11.45 17.75 -6.01
C PHE A 112 11.62 19.19 -5.54
N VAL A 113 10.65 20.02 -5.87
CA VAL A 113 10.69 21.45 -5.52
C VAL A 113 9.48 21.80 -4.65
N SER A 114 9.72 22.57 -3.60
CA SER A 114 8.64 23.02 -2.73
C SER A 114 7.72 23.99 -3.45
N ALA A 115 6.43 23.91 -3.14
CA ALA A 115 5.42 24.79 -3.73
C ALA A 115 4.80 25.72 -2.69
N ASN A 116 5.26 25.62 -1.44
CA ASN A 116 4.75 26.49 -0.39
C ASN A 116 5.76 26.72 0.74
N GLU A 117 5.36 27.51 1.72
CA GLU A 117 6.27 28.00 2.76
C GLU A 117 6.89 26.89 3.62
N ASP A 118 6.09 25.91 4.01
CA ASP A 118 6.56 24.84 4.90
C ASP A 118 6.87 23.55 4.14
N ASP A 119 6.90 23.64 2.81
CA ASP A 119 7.26 22.51 1.97
C ASP A 119 6.34 21.30 2.17
N SER A 120 5.08 21.56 2.52
CA SER A 120 4.10 20.50 2.68
C SER A 120 3.53 20.06 1.33
N ILE A 121 3.83 20.83 0.29
CA ILE A 121 3.50 20.45 -1.07
C ILE A 121 4.75 20.58 -1.92
N CYS A 122 5.05 19.53 -2.68
CA CYS A 122 6.22 19.51 -3.56
CA CYS A 122 6.22 19.52 -3.56
C CYS A 122 5.91 18.80 -4.86
N TYR A 123 6.77 18.99 -5.86
CA TYR A 123 6.55 18.41 -7.18
C TYR A 123 7.85 18.14 -7.91
N TYR A 124 7.77 17.27 -8.91
CA TYR A 124 8.91 16.90 -9.75
C TYR A 124 8.59 17.23 -11.19
N ALA A 125 9.46 17.98 -11.84
CA ALA A 125 9.26 18.37 -13.24
C ALA A 125 10.61 18.34 -13.96
N GLN A 126 11.03 17.14 -14.32
CA GLN A 126 12.37 16.90 -14.85
C GLN A 126 12.32 16.53 -16.32
N CYS A 127 13.07 17.26 -17.13
CA CYS A 127 13.20 16.95 -18.55
C CYS A 127 14.38 15.99 -18.76
N VAL A 128 14.08 14.80 -19.27
CA VAL A 128 15.11 13.86 -19.67
C VAL A 128 15.34 14.06 -21.17
N SER A 129 16.44 14.73 -21.52
CA SER A 129 16.72 15.06 -22.91
C SER A 129 17.00 13.81 -23.74
N ARG A 130 17.56 12.80 -23.10
N ARG A 130 17.57 12.80 -23.10
CA ARG A 130 17.90 11.56 -23.80
CA ARG A 130 17.91 11.55 -23.77
C ARG A 130 17.75 10.36 -22.85
C ARG A 130 17.72 10.38 -22.81
N THR A 131 16.68 9.59 -23.05
CA THR A 131 16.37 8.46 -22.18
C THR A 131 17.33 7.30 -22.37
N GLY A 132 17.62 6.61 -21.27
CA GLY A 132 18.39 5.38 -21.30
C GLY A 132 17.48 4.20 -21.57
N SER A 133 17.92 3.02 -21.16
CA SER A 133 17.20 1.78 -21.46
C SER A 133 16.04 1.52 -20.51
N TYR A 134 16.01 2.22 -19.38
CA TYR A 134 15.02 1.95 -18.35
C TYR A 134 13.75 2.78 -18.55
N LEU A 135 13.88 4.10 -18.56
CA LEU A 135 12.71 4.97 -18.66
C LEU A 135 12.07 4.90 -20.05
N SER A 136 12.84 4.52 -21.06
CA SER A 136 12.27 4.36 -22.40
C SER A 136 11.35 3.13 -22.42
N LYS A 137 11.79 2.06 -21.76
CA LYS A 137 10.98 0.86 -21.61
C LYS A 137 9.70 1.19 -20.86
N THR A 138 9.88 1.81 -19.69
CA THR A 138 8.78 2.19 -18.81
C THR A 138 7.71 3.02 -19.55
N ALA A 139 8.15 3.90 -20.44
CA ALA A 139 7.24 4.79 -21.15
C ALA A 139 6.70 4.16 -22.44
N GLY A 140 7.34 3.09 -22.89
CA GLY A 140 6.94 2.45 -24.13
C GLY A 140 7.32 3.26 -25.36
N ILE A 141 8.37 4.06 -25.24
CA ILE A 141 8.89 4.83 -26.37
C ILE A 141 10.26 4.32 -26.78
N ARG A 142 10.79 4.88 -27.86
CA ARG A 142 12.10 4.48 -28.36
C ARG A 142 13.21 5.05 -27.48
N GLU A 143 14.24 4.25 -27.26
CA GLU A 143 15.40 4.68 -26.48
C GLU A 143 16.07 5.88 -27.14
N GLY A 144 16.45 6.87 -26.33
CA GLY A 144 17.10 8.06 -26.82
C GLY A 144 16.14 9.23 -26.99
N GLU A 145 14.85 8.94 -27.06
CA GLU A 145 13.82 9.97 -27.14
C GLU A 145 13.73 10.72 -25.82
N ALA A 146 13.18 11.93 -25.86
CA ALA A 146 13.11 12.78 -24.67
C ALA A 146 11.83 12.53 -23.87
N LEU A 147 11.88 12.87 -22.58
CA LEU A 147 10.73 12.74 -21.70
C LEU A 147 10.58 13.93 -20.76
N ALA A 148 9.34 14.24 -20.43
CA ALA A 148 9.02 15.09 -19.28
C ALA A 148 8.56 14.20 -18.14
N TYR A 149 9.29 14.23 -17.04
CA TYR A 149 9.01 13.38 -15.88
C TYR A 149 8.29 14.22 -14.83
N LEU A 150 6.96 14.07 -14.77
CA LEU A 150 6.12 14.95 -13.98
C LEU A 150 5.47 14.20 -12.82
N VAL A 151 5.69 14.69 -11.60
CA VAL A 151 5.14 14.07 -10.40
C VAL A 151 4.69 15.13 -9.39
N ALA A 152 3.52 14.91 -8.81
CA ALA A 152 2.98 15.78 -7.76
C ALA A 152 1.97 14.99 -6.94
N PRO A 153 1.48 15.58 -5.83
CA PRO A 153 0.42 14.87 -5.11
C PRO A 153 -0.82 14.72 -5.99
N PRO A 154 -1.73 13.80 -5.64
CA PRO A 154 -2.83 13.38 -6.51
C PRO A 154 -3.59 14.50 -7.23
N LEU A 155 -4.25 15.39 -6.50
CA LEU A 155 -5.05 16.42 -7.15
C LEU A 155 -4.19 17.39 -7.95
N GLU A 156 -3.11 17.85 -7.35
CA GLU A 156 -2.18 18.76 -8.02
C GLU A 156 -1.67 18.14 -9.32
N ALA A 157 -1.35 16.85 -9.26
CA ALA A 157 -0.84 16.13 -10.42
C ALA A 157 -1.86 16.12 -11.56
N MET A 158 -3.10 15.74 -11.25
CA MET A 158 -4.14 15.66 -12.27
C MET A 158 -4.40 17.03 -12.88
N TYR A 159 -4.47 18.05 -12.03
CA TYR A 159 -4.71 19.41 -12.49
C TYR A 159 -3.54 19.91 -13.32
N ALA A 160 -2.32 19.65 -12.85
CA ALA A 160 -1.11 20.15 -13.48
C ALA A 160 -0.76 19.36 -14.75
N LEU A 161 -1.14 18.08 -14.79
CA LEU A 161 -0.91 17.28 -15.98
C LEU A 161 -1.72 17.81 -17.16
N ASP A 162 -2.94 18.23 -16.88
CA ASP A 162 -3.82 18.76 -17.91
C ASP A 162 -3.28 20.07 -18.46
N ALA A 163 -2.68 20.87 -17.58
CA ALA A 163 -2.07 22.13 -17.99
C ALA A 163 -0.82 21.86 -18.83
N ALA A 164 -0.08 20.83 -18.46
CA ALA A 164 1.14 20.46 -19.18
C ALA A 164 0.82 19.95 -20.57
N LEU A 165 -0.24 19.15 -20.68
CA LEU A 165 -0.66 18.59 -21.97
C LEU A 165 -1.17 19.68 -22.91
N LYS A 166 -1.60 20.80 -22.35
CA LYS A 166 -2.11 21.92 -23.14
C LYS A 166 -1.01 22.93 -23.50
N ALA A 167 0.11 22.87 -22.78
CA ALA A 167 1.16 23.88 -22.94
C ALA A 167 2.09 23.58 -24.12
N ALA A 168 2.12 22.33 -24.56
CA ALA A 168 2.99 21.95 -25.67
C ALA A 168 2.50 20.68 -26.35
N ASP A 169 3.12 20.35 -27.48
CA ASP A 169 2.76 19.16 -28.24
C ASP A 169 3.45 17.95 -27.65
N VAL A 170 2.81 17.33 -26.65
CA VAL A 170 3.36 16.15 -26.00
C VAL A 170 2.32 15.05 -25.90
N GLU A 171 2.80 13.81 -25.85
CA GLU A 171 1.94 12.64 -25.68
C GLU A 171 2.13 12.06 -24.29
N MET A 172 1.03 11.66 -23.65
CA MET A 172 1.12 10.94 -22.38
C MET A 172 1.46 9.49 -22.67
N CYS A 173 2.68 9.11 -22.30
CA CYS A 173 3.18 7.76 -22.56
C CYS A 173 2.84 6.82 -21.42
N GLU A 174 3.04 7.29 -20.19
CA GLU A 174 2.72 6.50 -19.02
C GLU A 174 2.08 7.36 -17.94
N PHE A 175 0.96 6.89 -17.42
CA PHE A 175 0.21 7.58 -16.40
C PHE A 175 0.44 6.95 -15.03
N PHE A 176 0.95 7.74 -14.10
CA PHE A 176 1.09 7.29 -12.71
C PHE A 176 -0.22 7.55 -11.98
N ALA A 177 -1.15 6.61 -12.08
CA ALA A 177 -2.48 6.80 -11.52
C ALA A 177 -2.42 6.91 -9.99
N PRO A 178 -3.10 7.93 -9.42
CA PRO A 178 -3.05 8.09 -7.96
C PRO A 178 -3.83 7.00 -7.21
N PRO A 179 -3.25 6.41 -6.16
CA PRO A 179 -1.92 6.67 -5.60
C PRO A 179 -0.83 5.77 -6.16
N THR A 180 0.37 6.33 -6.32
CA THR A 180 1.57 5.52 -6.35
C THR A 180 1.78 4.97 -4.95
N GLU A 181 2.78 4.12 -4.76
CA GLU A 181 3.05 3.57 -3.43
C GLU A 181 3.27 4.71 -2.43
N THR A 182 3.85 5.81 -2.91
CA THR A 182 4.17 6.95 -2.07
C THR A 182 3.01 7.95 -1.95
N ASN A 183 1.86 7.61 -2.55
CA ASN A 183 0.68 8.48 -2.56
C ASN A 183 0.92 9.76 -3.35
N PHE A 184 1.70 9.66 -4.42
CA PHE A 184 1.83 10.73 -5.39
C PHE A 184 1.14 10.29 -6.69
N ALA A 185 1.34 11.07 -7.74
CA ALA A 185 0.81 10.75 -9.06
C ALA A 185 1.54 11.60 -10.09
N GLY A 186 1.26 11.35 -11.37
CA GLY A 186 1.88 12.12 -12.43
C GLY A 186 1.97 11.32 -13.72
N ALA A 187 2.97 11.61 -14.54
CA ALA A 187 3.09 10.94 -15.82
C ALA A 187 4.45 11.14 -16.47
N LEU A 188 4.75 10.27 -17.43
CA LEU A 188 5.85 10.48 -18.36
C LEU A 188 5.26 10.96 -19.67
N LEU A 189 5.67 12.16 -20.10
CA LEU A 189 5.23 12.72 -21.38
C LEU A 189 6.40 12.74 -22.35
N THR A 190 6.10 12.57 -23.64
CA THR A 190 7.14 12.61 -24.66
C THR A 190 6.84 13.64 -25.74
N GLY A 191 7.90 14.08 -26.41
CA GLY A 191 7.81 15.08 -27.46
C GLY A 191 9.21 15.57 -27.74
N SER A 192 9.33 16.72 -28.39
CA SER A 192 10.64 17.33 -28.61
C SER A 192 11.22 17.76 -27.28
N GLN A 193 12.52 18.05 -27.25
CA GLN A 193 13.17 18.46 -26.01
C GLN A 193 12.57 19.75 -25.48
N SER A 194 12.31 20.70 -26.39
CA SER A 194 11.74 21.98 -26.00
C SER A 194 10.27 21.85 -25.62
N ALA A 195 9.58 20.88 -26.21
CA ALA A 195 8.18 20.64 -25.89
C ALA A 195 8.06 20.03 -24.50
N CYS A 196 8.93 19.06 -24.21
CA CYS A 196 9.00 18.47 -22.88
C CYS A 196 9.32 19.53 -21.82
N LYS A 197 10.25 20.42 -22.16
CA LYS A 197 10.62 21.50 -21.26
C LYS A 197 9.44 22.45 -21.06
N ALA A 198 8.70 22.71 -22.13
CA ALA A 198 7.50 23.53 -22.05
C ALA A 198 6.45 22.87 -21.15
N ALA A 199 6.41 21.55 -21.17
CA ALA A 199 5.45 20.81 -20.36
C ALA A 199 5.86 20.86 -18.88
N CYS A 200 7.16 20.74 -18.62
CA CYS A 200 7.68 20.83 -17.26
C CYS A 200 7.34 22.16 -16.62
N ASP A 201 7.48 23.24 -17.39
CA ASP A 201 7.23 24.58 -16.88
C ASP A 201 5.75 24.79 -16.55
N ALA A 202 4.88 24.34 -17.45
CA ALA A 202 3.44 24.45 -17.23
C ALA A 202 3.00 23.61 -16.05
N PHE A 203 3.66 22.47 -15.86
CA PHE A 203 3.35 21.57 -14.75
C PHE A 203 3.71 22.23 -13.42
N ALA A 204 4.92 22.78 -13.33
CA ALA A 204 5.39 23.44 -12.12
C ALA A 204 4.47 24.59 -11.73
N GLU A 205 4.15 25.44 -12.69
CA GLU A 205 3.28 26.58 -12.45
C GLU A 205 1.89 26.15 -11.97
N ALA A 206 1.35 25.11 -12.59
CA ALA A 206 0.02 24.62 -12.26
C ALA A 206 -0.04 24.07 -10.83
N VAL A 207 0.99 23.35 -10.43
CA VAL A 207 1.06 22.83 -9.06
C VAL A 207 1.10 23.98 -8.07
N GLN A 208 1.92 24.99 -8.35
CA GLN A 208 2.06 26.13 -7.47
C GLN A 208 0.74 26.89 -7.34
N SER A 209 -0.02 26.93 -8.43
N SER A 209 -0.03 26.94 -8.42
CA SER A 209 -1.31 27.61 -8.44
CA SER A 209 -1.32 27.62 -8.41
C SER A 209 -2.28 26.93 -7.47
C SER A 209 -2.30 26.93 -7.48
N VAL A 210 -2.29 25.59 -7.48
CA VAL A 210 -3.16 24.83 -6.59
C VAL A 210 -2.71 25.01 -5.14
N ALA A 211 -1.39 25.00 -4.93
CA ALA A 211 -0.84 25.17 -3.59
C ALA A 211 -1.24 26.49 -2.98
N SER A 212 -1.26 27.54 -3.79
CA SER A 212 -1.61 28.88 -3.31
C SER A 212 -3.12 29.09 -3.24
N ASN A 213 -3.88 28.20 -3.89
CA ASN A 213 -5.34 28.29 -3.89
C ASN A 213 -5.97 26.90 -3.92
N PRO A 214 -5.85 26.15 -2.82
CA PRO A 214 -6.33 24.76 -2.77
C PRO A 214 -7.84 24.59 -2.93
N LEU A 215 -8.61 25.52 -2.39
CA LEU A 215 -10.06 25.38 -2.28
C LEU A 215 -10.84 26.23 -3.29
N GLY A 216 -10.12 27.00 -4.10
CA GLY A 216 -10.76 27.89 -5.05
C GLY A 216 -11.13 27.20 -6.34
N PHE A 217 -12.41 27.30 -6.71
CA PHE A 217 -12.90 26.69 -7.95
C PHE A 217 -14.16 27.39 -8.44
N MET B 1 -13.88 10.81 22.58
CA MET B 1 -14.82 10.08 23.48
C MET B 1 -15.72 9.16 22.67
N LYS B 2 -16.11 8.05 23.27
CA LYS B 2 -16.97 7.06 22.61
C LYS B 2 -18.24 7.69 22.06
N ASN B 3 -18.64 7.22 20.88
CA ASN B 3 -19.84 7.68 20.16
C ASN B 3 -19.72 9.08 19.56
N ASP B 4 -18.56 9.70 19.68
CA ASP B 4 -18.34 11.00 19.05
C ASP B 4 -18.21 10.87 17.54
N LEU B 5 -18.88 11.76 16.80
CA LEU B 5 -18.72 11.81 15.37
C LEU B 5 -17.39 12.46 15.03
N ILE B 6 -16.65 11.85 14.11
CA ILE B 6 -15.39 12.39 13.65
C ILE B 6 -15.62 13.17 12.36
N ARG B 7 -15.46 14.48 12.44
CA ARG B 7 -15.76 15.36 11.33
C ARG B 7 -14.81 15.12 10.16
N PRO B 8 -15.36 14.84 8.96
CA PRO B 8 -14.51 14.73 7.77
C PRO B 8 -14.17 16.10 7.22
N ASN B 9 -13.00 16.22 6.59
CA ASN B 9 -12.56 17.51 6.05
C ASN B 9 -12.17 17.44 4.59
N VAL B 10 -12.65 18.39 3.80
CA VAL B 10 -12.23 18.55 2.42
C VAL B 10 -10.93 19.36 2.39
N LEU B 11 -9.97 18.89 1.61
CA LEU B 11 -8.64 19.51 1.57
C LEU B 11 -8.44 20.36 0.32
N SER B 12 -8.96 19.90 -0.81
CA SER B 12 -8.79 20.60 -2.07
C SER B 12 -9.87 20.28 -3.08
N VAL B 13 -10.21 21.26 -3.91
CA VAL B 13 -11.17 21.09 -5.00
C VAL B 13 -10.75 21.93 -6.20
N LYS B 14 -10.78 21.32 -7.39
CA LYS B 14 -10.48 22.04 -8.63
C LYS B 14 -11.36 21.55 -9.78
N ILE B 15 -11.57 22.43 -10.76
CA ILE B 15 -12.34 22.09 -11.96
C ILE B 15 -11.49 22.25 -13.21
N ILE B 16 -11.50 21.22 -14.05
CA ILE B 16 -10.90 21.29 -15.38
C ILE B 16 -12.03 21.45 -16.39
N SER B 17 -12.07 22.61 -17.05
CA SER B 17 -13.21 22.98 -17.89
C SER B 17 -13.24 22.25 -19.23
N ASN B 18 -12.07 22.04 -19.82
CA ASN B 18 -11.96 21.32 -21.09
C ASN B 18 -10.82 20.32 -21.06
N VAL B 19 -11.11 19.12 -20.56
CA VAL B 19 -10.10 18.08 -20.41
C VAL B 19 -9.40 17.81 -21.74
N SER B 20 -8.08 17.61 -21.69
CA SER B 20 -7.30 17.36 -22.89
C SER B 20 -7.59 15.95 -23.40
N PRO B 21 -7.46 15.72 -24.72
CA PRO B 21 -7.72 14.39 -25.28
C PRO B 21 -6.81 13.31 -24.70
N GLU B 22 -5.58 13.68 -24.36
CA GLU B 22 -4.62 12.73 -23.80
C GLU B 22 -5.05 12.26 -22.42
N MET B 23 -5.54 13.19 -21.60
CA MET B 23 -6.00 12.84 -20.26
CA MET B 23 -6.00 12.86 -20.25
C MET B 23 -7.27 12.02 -20.31
N ALA B 24 -8.17 12.39 -21.22
CA ALA B 24 -9.44 11.68 -21.37
C ALA B 24 -9.20 10.21 -21.73
N LYS B 25 -8.12 9.95 -22.46
CA LYS B 25 -7.83 8.60 -22.93
C LYS B 25 -7.32 7.71 -21.79
N LYS B 26 -6.53 8.28 -20.88
CA LYS B 26 -5.97 7.53 -19.77
C LYS B 26 -6.98 7.30 -18.67
N LEU B 27 -7.94 8.23 -18.53
CA LEU B 27 -9.01 8.07 -17.56
C LEU B 27 -10.19 7.30 -18.16
N GLU B 28 -10.04 6.91 -19.42
CA GLU B 28 -11.10 6.19 -20.14
C GLU B 28 -12.43 6.92 -20.04
N LEU B 29 -12.41 8.21 -20.32
CA LEU B 29 -13.61 9.03 -20.29
C LEU B 29 -14.46 8.77 -21.53
N GLU B 30 -15.77 8.96 -21.39
CA GLU B 30 -16.68 8.88 -22.53
C GLU B 30 -16.55 10.16 -23.34
N PRO B 31 -16.94 10.13 -24.62
CA PRO B 31 -16.82 11.31 -25.48
C PRO B 31 -17.56 12.53 -24.94
N HIS B 32 -18.61 12.29 -24.16
CA HIS B 32 -19.46 13.38 -23.66
C HIS B 32 -18.92 13.98 -22.36
N HIS B 33 -17.87 13.39 -21.82
CA HIS B 33 -17.20 13.95 -20.63
C HIS B 33 -16.22 15.04 -21.05
N LYS B 34 -16.64 16.31 -20.88
CA LYS B 34 -15.85 17.45 -21.32
C LYS B 34 -15.13 18.14 -20.16
N SER B 35 -15.74 18.07 -18.97
CA SER B 35 -15.20 18.74 -17.78
CA SER B 35 -15.20 18.74 -17.78
C SER B 35 -14.98 17.76 -16.64
N LEU B 36 -13.99 18.05 -15.80
CA LEU B 36 -13.68 17.21 -14.64
C LEU B 36 -13.71 18.03 -13.35
N GLY B 37 -14.19 17.39 -12.28
CA GLY B 37 -14.18 17.97 -10.95
C GLY B 37 -13.33 17.14 -10.02
N LEU B 38 -12.26 17.74 -9.51
CA LEU B 38 -11.30 17.04 -8.66
C LEU B 38 -11.56 17.37 -7.20
N ILE B 39 -11.38 16.39 -6.31
CA ILE B 39 -11.55 16.62 -4.89
C ILE B 39 -10.70 15.66 -4.06
N THR B 40 -10.09 16.19 -3.00
CA THR B 40 -9.42 15.36 -2.01
C THR B 40 -9.96 15.69 -0.62
N ALA B 41 -9.88 14.72 0.28
CA ALA B 41 -10.39 14.87 1.64
C ALA B 41 -9.64 13.93 2.57
N ASP B 42 -9.85 14.09 3.88
CA ASP B 42 -9.13 13.27 4.86
C ASP B 42 -9.92 12.04 5.27
N CYS B 43 -11.04 11.77 4.61
CA CYS B 43 -11.86 10.60 4.91
C CYS B 43 -12.45 10.02 3.62
N ASP B 44 -12.03 8.81 3.26
CA ASP B 44 -12.34 8.26 1.94
C ASP B 44 -13.77 7.75 1.80
N ASP B 45 -14.27 7.01 2.78
CA ASP B 45 -15.58 6.38 2.64
C ASP B 45 -16.71 7.42 2.69
N VAL B 46 -16.53 8.47 3.48
CA VAL B 46 -17.47 9.60 3.45
C VAL B 46 -17.46 10.26 2.07
N THR B 47 -16.27 10.40 1.49
CA THR B 47 -16.15 11.06 0.20
C THR B 47 -16.79 10.22 -0.89
N TYR B 48 -16.55 8.90 -0.84
CA TYR B 48 -17.18 7.98 -1.78
C TYR B 48 -18.70 8.08 -1.72
N THR B 49 -19.24 8.18 -0.51
CA THR B 49 -20.68 8.32 -0.33
C THR B 49 -21.14 9.67 -0.87
N ALA B 50 -20.34 10.71 -0.65
CA ALA B 50 -20.67 12.04 -1.11
C ALA B 50 -20.65 12.13 -2.63
N LEU B 51 -19.66 11.50 -3.24
CA LEU B 51 -19.56 11.47 -4.70
C LEU B 51 -20.75 10.75 -5.31
N ASP B 52 -21.21 9.70 -4.64
CA ASP B 52 -22.37 8.95 -5.10
C ASP B 52 -23.63 9.80 -5.02
N GLU B 53 -23.73 10.60 -3.96
CA GLU B 53 -24.86 11.51 -3.80
C GLU B 53 -24.88 12.55 -4.91
N ALA B 54 -23.71 12.92 -5.39
CA ALA B 54 -23.58 13.94 -6.43
C ALA B 54 -24.16 13.46 -7.76
N THR B 55 -24.01 12.18 -8.05
CA THR B 55 -24.53 11.61 -9.30
C THR B 55 -26.05 11.68 -9.33
N LYS B 56 -26.66 11.78 -8.16
CA LYS B 56 -28.11 11.87 -8.04
C LYS B 56 -28.61 13.30 -8.28
N ALA B 57 -27.77 14.28 -7.96
CA ALA B 57 -28.17 15.68 -7.96
C ALA B 57 -27.78 16.42 -9.24
N ALA B 58 -26.85 15.85 -9.99
CA ALA B 58 -26.36 16.49 -11.22
C ALA B 58 -25.93 15.44 -12.24
N GLU B 59 -25.76 15.89 -13.49
N GLU B 59 -25.77 15.89 -13.48
CA GLU B 59 -25.31 15.02 -14.56
CA GLU B 59 -25.31 15.02 -14.55
C GLU B 59 -23.80 14.84 -14.48
C GLU B 59 -23.80 14.85 -14.47
N VAL B 60 -23.35 14.03 -13.53
CA VAL B 60 -21.94 13.74 -13.35
C VAL B 60 -21.73 12.25 -13.10
N ASP B 61 -20.60 11.74 -13.56
CA ASP B 61 -20.22 10.36 -13.30
C ASP B 61 -18.96 10.34 -12.44
N VAL B 62 -18.88 9.38 -11.53
CA VAL B 62 -17.65 9.14 -10.79
C VAL B 62 -16.75 8.30 -11.68
N VAL B 63 -15.75 8.94 -12.28
CA VAL B 63 -14.86 8.26 -13.23
C VAL B 63 -13.56 7.83 -12.56
N TYR B 64 -13.31 8.34 -11.37
CA TYR B 64 -12.09 7.99 -10.64
C TYR B 64 -12.29 8.19 -9.14
N ALA B 65 -11.83 7.21 -8.36
CA ALA B 65 -12.02 7.24 -6.92
C ALA B 65 -11.10 6.23 -6.24
N ARG B 66 -10.04 6.73 -5.61
CA ARG B 66 -9.03 5.88 -4.99
C ARG B 66 -8.58 6.40 -3.62
N SER B 67 -8.19 5.47 -2.75
CA SER B 67 -7.74 5.80 -1.41
C SER B 67 -6.22 5.81 -1.32
N MET B 68 -5.68 6.57 -0.37
CA MET B 68 -4.23 6.67 -0.18
C MET B 68 -3.75 5.64 0.84
N TYR B 69 -2.56 5.10 0.59
CA TYR B 69 -1.97 4.10 1.48
C TYR B 69 -1.72 4.64 2.89
N ALA B 70 -2.21 3.89 3.88
CA ALA B 70 -1.98 4.15 5.30
C ALA B 70 -2.77 5.35 5.86
N GLY B 71 -3.73 5.86 5.09
CA GLY B 71 -4.67 6.84 5.61
C GLY B 71 -4.17 8.26 5.75
N ALA B 72 -5.09 9.16 6.09
CA ALA B 72 -4.83 10.59 6.10
C ALA B 72 -3.81 11.01 7.16
N GLY B 73 -3.78 10.27 8.26
CA GLY B 73 -2.87 10.58 9.34
C GLY B 73 -1.42 10.39 8.93
N ASN B 74 -1.21 9.59 7.89
CA ASN B 74 0.13 9.30 7.39
C ASN B 74 0.44 9.99 6.06
N ALA B 75 -0.38 10.97 5.69
CA ALA B 75 -0.17 11.72 4.46
C ALA B 75 1.16 12.48 4.51
N SER B 76 1.90 12.43 3.40
N SER B 76 1.89 12.43 3.40
CA SER B 76 3.20 13.08 3.32
CA SER B 76 3.19 13.07 3.30
C SER B 76 3.08 14.53 2.85
C SER B 76 3.09 14.52 2.83
N THR B 77 1.93 14.88 2.27
CA THR B 77 1.70 16.22 1.76
C THR B 77 0.36 16.77 2.19
N LYS B 78 0.19 18.07 2.00
CA LYS B 78 -0.92 18.83 2.58
C LYS B 78 -2.30 18.49 2.02
N LEU B 79 -2.36 18.18 0.72
CA LEU B 79 -3.65 18.04 0.02
C LEU B 79 -3.94 16.60 -0.38
N ALA B 80 -3.04 15.67 -0.09
CA ALA B 80 -3.24 14.28 -0.48
C ALA B 80 -4.39 13.64 0.30
N GLY B 81 -4.49 13.96 1.59
CA GLY B 81 -5.50 13.36 2.45
C GLY B 81 -5.42 11.85 2.38
N GLU B 82 -6.56 11.20 2.16
CA GLU B 82 -6.58 9.75 1.96
C GLU B 82 -7.54 9.35 0.85
N VAL B 83 -7.98 10.32 0.06
CA VAL B 83 -8.84 10.02 -1.08
C VAL B 83 -8.71 11.09 -2.16
N ILE B 84 -8.78 10.63 -3.42
CA ILE B 84 -9.01 11.53 -4.54
C ILE B 84 -10.23 11.04 -5.30
N GLY B 85 -11.12 11.97 -5.61
CA GLY B 85 -12.29 11.67 -6.40
C GLY B 85 -12.33 12.55 -7.64
N ILE B 86 -12.84 12.01 -8.73
CA ILE B 86 -13.00 12.76 -9.96
C ILE B 86 -14.40 12.58 -10.53
N LEU B 87 -15.13 13.69 -10.61
CA LEU B 87 -16.41 13.72 -11.31
C LEU B 87 -16.17 14.14 -12.76
N ALA B 88 -16.90 13.52 -13.68
CA ALA B 88 -16.89 13.93 -15.08
C ALA B 88 -18.29 14.34 -15.49
N GLY B 89 -18.38 15.45 -16.23
CA GLY B 89 -19.68 15.96 -16.67
C GLY B 89 -19.56 16.71 -17.99
N PRO B 90 -20.70 17.18 -18.51
CA PRO B 90 -20.79 17.83 -19.81
C PRO B 90 -20.22 19.25 -19.84
N SER B 91 -20.22 19.93 -18.69
CA SER B 91 -19.77 21.31 -18.63
C SER B 91 -19.18 21.65 -17.26
N PRO B 92 -18.44 22.76 -17.16
CA PRO B 92 -17.93 23.22 -15.87
C PRO B 92 -19.06 23.54 -14.89
N ALA B 93 -20.17 24.07 -15.40
CA ALA B 93 -21.31 24.43 -14.57
C ALA B 93 -21.92 23.19 -13.92
N GLU B 94 -22.08 22.14 -14.72
CA GLU B 94 -22.69 20.92 -14.24
C GLU B 94 -21.75 20.19 -13.29
N VAL B 95 -20.46 20.26 -13.57
CA VAL B 95 -19.46 19.68 -12.69
C VAL B 95 -19.46 20.43 -11.35
N ARG B 96 -19.62 21.74 -11.40
N ARG B 96 -19.63 21.73 -11.39
CA ARG B 96 -19.67 22.56 -10.20
CA ARG B 96 -19.66 22.54 -10.18
C ARG B 96 -20.88 22.20 -9.35
C ARG B 96 -20.89 22.20 -9.34
N SER B 97 -22.01 21.92 -10.01
CA SER B 97 -23.22 21.52 -9.32
CA SER B 97 -23.22 21.51 -9.33
C SER B 97 -22.99 20.19 -8.59
N GLY B 98 -22.34 19.26 -9.27
CA GLY B 98 -22.02 17.96 -8.69
C GLY B 98 -21.10 18.11 -7.50
N LEU B 99 -20.08 18.96 -7.64
CA LEU B 99 -19.13 19.21 -6.55
C LEU B 99 -19.83 19.84 -5.35
N ASN B 100 -20.76 20.76 -5.62
CA ASN B 100 -21.50 21.40 -4.54
C ASN B 100 -22.33 20.39 -3.75
N ALA B 101 -22.92 19.43 -4.47
CA ALA B 101 -23.68 18.37 -3.84
C ALA B 101 -22.76 17.47 -3.02
N THR B 102 -21.55 17.26 -3.53
CA THR B 102 -20.55 16.47 -2.81
C THR B 102 -20.16 17.15 -1.50
N LEU B 103 -19.84 18.44 -1.58
CA LEU B 103 -19.41 19.20 -0.42
C LEU B 103 -20.51 19.32 0.62
N ASP B 104 -21.74 19.51 0.17
CA ASP B 104 -22.88 19.58 1.08
C ASP B 104 -23.01 18.29 1.87
N PHE B 105 -22.82 17.16 1.20
CA PHE B 105 -23.00 15.87 1.84
C PHE B 105 -21.89 15.59 2.85
N ILE B 106 -20.65 15.92 2.48
CA ILE B 106 -19.52 15.73 3.39
C ILE B 106 -19.73 16.54 4.67
N ASP B 107 -20.46 17.63 4.56
CA ASP B 107 -20.71 18.53 5.69
C ASP B 107 -22.10 18.31 6.29
N SER B 108 -22.70 17.16 5.99
CA SER B 108 -24.10 16.90 6.35
C SER B 108 -24.27 16.21 7.70
N GLY B 109 -23.16 15.89 8.36
CA GLY B 109 -23.20 15.24 9.66
C GLY B 109 -22.80 13.78 9.62
N VAL B 110 -22.59 13.24 8.42
CA VAL B 110 -22.11 11.88 8.29
C VAL B 110 -20.64 11.81 8.68
N GLY B 111 -20.15 10.62 8.97
CA GLY B 111 -18.75 10.44 9.31
C GLY B 111 -18.49 9.20 10.13
N PHE B 112 -17.21 8.90 10.33
CA PHE B 112 -16.82 7.81 11.21
C PHE B 112 -17.17 8.15 12.65
N VAL B 113 -17.43 7.13 13.45
CA VAL B 113 -17.80 7.30 14.85
C VAL B 113 -16.78 6.63 15.74
N SER B 114 -16.40 7.30 16.83
CA SER B 114 -15.46 6.74 17.78
C SER B 114 -16.07 5.57 18.56
N ALA B 115 -15.25 4.56 18.83
CA ALA B 115 -15.71 3.37 19.55
C ALA B 115 -15.12 3.28 20.95
N ASN B 116 -14.22 4.19 21.30
CA ASN B 116 -13.60 4.19 22.62
C ASN B 116 -13.22 5.59 23.09
N GLU B 117 -12.60 5.65 24.27
CA GLU B 117 -12.35 6.91 24.98
C GLU B 117 -11.46 7.88 24.21
N ASP B 118 -10.36 7.39 23.66
CA ASP B 118 -9.37 8.23 22.99
C ASP B 118 -9.51 8.22 21.47
N ASP B 119 -10.63 7.69 20.99
CA ASP B 119 -10.93 7.66 19.56
C ASP B 119 -9.86 6.92 18.76
N SER B 120 -9.24 5.92 19.39
CA SER B 120 -8.20 5.12 18.74
C SER B 120 -8.82 3.97 17.95
N ILE B 121 -10.13 3.80 18.05
CA ILE B 121 -10.87 2.86 17.23
C ILE B 121 -12.11 3.58 16.73
N CYS B 122 -12.38 3.47 15.43
N CYS B 122 -12.40 3.44 15.44
CA CYS B 122 -13.53 4.14 14.82
CA CYS B 122 -13.53 4.12 14.83
C CYS B 122 -14.14 3.30 13.72
C CYS B 122 -14.18 3.23 13.78
N TYR B 123 -15.37 3.61 13.33
CA TYR B 123 -16.09 2.83 12.34
C TYR B 123 -17.05 3.70 11.55
N TYR B 124 -17.46 3.18 10.40
CA TYR B 124 -18.40 3.84 9.52
C TYR B 124 -19.60 2.93 9.35
N ALA B 125 -20.78 3.45 9.69
CA ALA B 125 -22.01 2.67 9.60
C ALA B 125 -23.10 3.53 9.00
N GLN B 126 -22.99 3.76 7.70
CA GLN B 126 -23.87 4.67 6.98
C GLN B 126 -24.92 3.91 6.19
N CYS B 127 -26.19 4.27 6.40
CA CYS B 127 -27.27 3.76 5.58
C CYS B 127 -27.48 4.66 4.38
N VAL B 128 -27.24 4.10 3.19
CA VAL B 128 -27.53 4.79 1.95
C VAL B 128 -28.91 4.35 1.47
N SER B 129 -29.92 5.16 1.73
CA SER B 129 -31.30 4.80 1.43
C SER B 129 -31.52 4.62 -0.07
N ARG B 130 -30.98 5.55 -0.85
CA ARG B 130 -31.10 5.52 -2.31
C ARG B 130 -29.74 5.75 -2.95
N THR B 131 -29.12 4.68 -3.44
CA THR B 131 -27.82 4.80 -4.08
C THR B 131 -27.90 5.59 -5.38
N GLY B 132 -26.85 6.34 -5.66
CA GLY B 132 -26.70 6.99 -6.95
C GLY B 132 -26.15 6.01 -7.96
N SER B 133 -25.43 6.52 -8.96
CA SER B 133 -24.93 5.67 -10.04
C SER B 133 -23.61 5.00 -9.67
N TYR B 134 -22.89 5.57 -8.71
CA TYR B 134 -21.55 5.10 -8.37
C TYR B 134 -21.56 3.89 -7.42
N LEU B 135 -22.22 4.03 -6.27
CA LEU B 135 -22.22 2.95 -5.29
C LEU B 135 -23.08 1.77 -5.75
N SER B 136 -24.11 2.05 -6.55
CA SER B 136 -24.94 1.00 -7.12
C SER B 136 -24.11 0.13 -8.07
N LYS B 137 -23.32 0.76 -8.93
CA LYS B 137 -22.44 0.03 -9.83
C LYS B 137 -21.42 -0.78 -9.04
N THR B 138 -20.86 -0.14 -8.01
CA THR B 138 -19.83 -0.78 -7.20
C THR B 138 -20.40 -1.98 -6.44
N ALA B 139 -21.65 -1.87 -6.02
CA ALA B 139 -22.30 -2.94 -5.26
C ALA B 139 -22.94 -3.96 -6.19
N GLY B 140 -23.03 -3.65 -7.48
CA GLY B 140 -23.64 -4.54 -8.44
C GLY B 140 -25.15 -4.62 -8.26
N ILE B 141 -25.75 -3.54 -7.78
CA ILE B 141 -27.19 -3.46 -7.61
C ILE B 141 -27.78 -2.34 -8.47
N ARG B 142 -29.10 -2.27 -8.55
CA ARG B 142 -29.77 -1.24 -9.34
C ARG B 142 -29.70 0.10 -8.64
N GLU B 143 -29.58 1.18 -9.42
CA GLU B 143 -29.60 2.52 -8.86
C GLU B 143 -30.93 2.77 -8.15
N GLY B 144 -30.86 3.35 -6.96
CA GLY B 144 -32.05 3.64 -6.17
C GLY B 144 -32.31 2.61 -5.09
N GLU B 145 -31.54 1.53 -5.09
CA GLU B 145 -31.65 0.52 -4.04
C GLU B 145 -30.78 0.91 -2.86
N ALA B 146 -31.10 0.38 -1.69
CA ALA B 146 -30.47 0.80 -0.45
C ALA B 146 -29.20 0.03 -0.15
N LEU B 147 -28.28 0.67 0.58
CA LEU B 147 -27.05 0.03 1.01
C LEU B 147 -26.75 0.30 2.48
N ALA B 148 -26.16 -0.70 3.13
CA ALA B 148 -25.47 -0.50 4.40
C ALA B 148 -23.98 -0.39 4.09
N TYR B 149 -23.43 0.79 4.33
CA TYR B 149 -22.02 1.06 4.07
C TYR B 149 -21.24 0.91 5.37
N LEU B 150 -20.55 -0.21 5.50
CA LEU B 150 -19.97 -0.62 6.78
C LEU B 150 -18.46 -0.73 6.69
N VAL B 151 -17.76 0.03 7.53
CA VAL B 151 -16.30 0.04 7.54
C VAL B 151 -15.74 0.12 8.95
N ALA B 152 -14.74 -0.71 9.22
CA ALA B 152 -14.05 -0.70 10.51
C ALA B 152 -12.65 -1.28 10.32
N PRO B 153 -11.80 -1.20 11.36
CA PRO B 153 -10.49 -1.84 11.25
C PRO B 153 -10.64 -3.34 11.04
N PRO B 154 -9.57 -4.00 10.57
CA PRO B 154 -9.63 -5.38 10.08
C PRO B 154 -10.43 -6.36 10.96
N LEU B 155 -9.98 -6.63 12.17
CA LEU B 155 -10.65 -7.63 13.00
C LEU B 155 -12.07 -7.20 13.35
N GLU B 156 -12.22 -5.95 13.78
CA GLU B 156 -13.55 -5.42 14.13
C GLU B 156 -14.51 -5.57 12.96
N ALA B 157 -14.03 -5.28 11.75
CA ALA B 157 -14.85 -5.33 10.56
C ALA B 157 -15.33 -6.76 10.28
N MET B 158 -14.43 -7.72 10.38
CA MET B 158 -14.80 -9.12 10.16
C MET B 158 -15.80 -9.57 11.23
N TYR B 159 -15.52 -9.24 12.48
CA TYR B 159 -16.40 -9.62 13.58
C TYR B 159 -17.76 -8.95 13.43
N ALA B 160 -17.77 -7.66 13.09
CA ALA B 160 -18.99 -6.87 13.06
C ALA B 160 -19.82 -7.11 11.81
N LEU B 161 -19.16 -7.44 10.69
CA LEU B 161 -19.88 -7.77 9.47
C LEU B 161 -20.72 -9.02 9.70
N ASP B 162 -20.12 -10.01 10.36
CA ASP B 162 -20.81 -11.25 10.69
C ASP B 162 -22.01 -10.98 11.59
N ALA B 163 -21.83 -10.09 12.56
CA ALA B 163 -22.91 -9.72 13.47
C ALA B 163 -24.02 -8.98 12.72
N ALA B 164 -23.63 -8.14 11.77
CA ALA B 164 -24.60 -7.36 11.01
C ALA B 164 -25.46 -8.26 10.13
N LEU B 165 -24.81 -9.24 9.51
CA LEU B 165 -25.50 -10.17 8.61
C LEU B 165 -26.51 -11.03 9.37
N LYS B 166 -26.15 -11.42 10.58
CA LYS B 166 -27.04 -12.22 11.42
C LYS B 166 -28.19 -11.37 11.98
N ALA B 167 -27.90 -10.10 12.26
CA ALA B 167 -28.85 -9.23 12.95
C ALA B 167 -29.88 -8.61 12.03
N ALA B 168 -29.59 -8.58 10.73
CA ALA B 168 -30.44 -7.85 9.77
C ALA B 168 -30.72 -8.65 8.51
N ASP B 169 -31.80 -8.26 7.83
CA ASP B 169 -32.25 -8.93 6.62
C ASP B 169 -31.57 -8.32 5.39
N VAL B 170 -30.26 -8.54 5.28
CA VAL B 170 -29.46 -7.96 4.20
C VAL B 170 -28.59 -9.03 3.55
N GLU B 171 -27.98 -8.70 2.42
CA GLU B 171 -27.08 -9.61 1.74
C GLU B 171 -25.80 -8.92 1.30
N MET B 172 -24.75 -9.73 1.13
CA MET B 172 -23.43 -9.24 0.76
C MET B 172 -23.40 -8.83 -0.70
N CYS B 173 -22.89 -7.63 -0.97
CA CYS B 173 -22.72 -7.12 -2.32
C CYS B 173 -21.25 -7.02 -2.70
N GLU B 174 -20.50 -6.25 -1.91
N GLU B 174 -20.51 -6.24 -1.91
CA GLU B 174 -19.07 -6.05 -2.15
CA GLU B 174 -19.08 -6.07 -2.14
C GLU B 174 -18.31 -6.14 -0.83
C GLU B 174 -18.33 -6.18 -0.81
N PHE B 175 -17.24 -6.93 -0.84
CA PHE B 175 -16.42 -7.16 0.35
C PHE B 175 -15.10 -6.39 0.24
N PHE B 176 -14.86 -5.48 1.18
CA PHE B 176 -13.58 -4.77 1.26
C PHE B 176 -12.60 -5.58 2.10
N ALA B 177 -11.89 -6.49 1.45
CA ALA B 177 -10.99 -7.40 2.15
C ALA B 177 -9.87 -6.63 2.87
N PRO B 178 -9.62 -6.94 4.15
CA PRO B 178 -8.52 -6.26 4.83
C PRO B 178 -7.14 -6.65 4.28
N PRO B 179 -6.26 -5.67 4.02
CA PRO B 179 -6.44 -4.22 4.19
C PRO B 179 -6.90 -3.52 2.92
N THR B 180 -7.73 -2.48 3.09
CA THR B 180 -7.87 -1.47 2.05
C THR B 180 -6.60 -0.64 2.09
N GLU B 181 -6.47 0.34 1.20
CA GLU B 181 -5.29 1.19 1.20
C GLU B 181 -5.11 1.86 2.56
N THR B 182 -6.23 2.19 3.21
CA THR B 182 -6.22 2.85 4.51
C THR B 182 -6.10 1.88 5.69
N ASN B 183 -5.92 0.61 5.40
CA ASN B 183 -5.81 -0.43 6.43
C ASN B 183 -7.10 -0.60 7.23
N PHE B 184 -8.22 -0.41 6.54
CA PHE B 184 -9.53 -0.71 7.08
C PHE B 184 -10.12 -1.88 6.32
N ALA B 185 -11.38 -2.18 6.59
CA ALA B 185 -12.09 -3.27 5.92
C ALA B 185 -13.58 -3.05 6.12
N GLY B 186 -14.38 -3.84 5.42
CA GLY B 186 -15.82 -3.70 5.56
C GLY B 186 -16.56 -4.30 4.38
N ALA B 187 -17.75 -3.78 4.13
CA ALA B 187 -18.57 -4.28 3.04
C ALA B 187 -19.71 -3.32 2.72
N LEU B 188 -20.27 -3.50 1.53
CA LEU B 188 -21.54 -2.91 1.17
C LEU B 188 -22.59 -4.01 1.24
N LEU B 189 -23.61 -3.83 2.08
CA LEU B 189 -24.72 -4.77 2.17
C LEU B 189 -25.97 -4.11 1.63
N THR B 190 -26.86 -4.89 1.02
CA THR B 190 -28.11 -4.37 0.49
C THR B 190 -29.32 -5.06 1.09
N GLY B 191 -30.46 -4.41 0.97
CA GLY B 191 -31.71 -4.91 1.52
C GLY B 191 -32.68 -3.75 1.57
N SER B 192 -33.73 -3.87 2.38
CA SER B 192 -34.64 -2.76 2.58
C SER B 192 -33.92 -1.64 3.31
N GLN B 193 -34.47 -0.44 3.26
CA GLN B 193 -33.91 0.68 4.00
C GLN B 193 -33.89 0.34 5.48
N SER B 194 -34.95 -0.31 5.95
CA SER B 194 -35.04 -0.73 7.34
C SER B 194 -33.95 -1.75 7.68
N ALA B 195 -33.78 -2.74 6.82
CA ALA B 195 -32.78 -3.78 7.04
C ALA B 195 -31.37 -3.21 7.08
N CYS B 196 -31.10 -2.25 6.20
CA CYS B 196 -29.78 -1.62 6.15
C CYS B 196 -29.48 -0.84 7.42
N LYS B 197 -30.48 -0.10 7.91
CA LYS B 197 -30.35 0.60 9.18
C LYS B 197 -30.06 -0.39 10.31
N ALA B 198 -30.77 -1.50 10.31
CA ALA B 198 -30.59 -2.54 11.31
C ALA B 198 -29.17 -3.13 11.23
N ALA B 199 -28.65 -3.25 10.00
CA ALA B 199 -27.30 -3.75 9.81
C ALA B 199 -26.29 -2.75 10.36
N CYS B 200 -26.53 -1.47 10.14
CA CYS B 200 -25.65 -0.42 10.64
C CYS B 200 -25.58 -0.45 12.16
N ASP B 201 -26.73 -0.56 12.80
CA ASP B 201 -26.80 -0.59 14.27
C ASP B 201 -26.04 -1.79 14.82
N ALA B 202 -26.31 -2.97 14.29
CA ALA B 202 -25.65 -4.19 14.75
C ALA B 202 -24.16 -4.14 14.47
N PHE B 203 -23.79 -3.52 13.35
CA PHE B 203 -22.38 -3.35 13.01
C PHE B 203 -21.70 -2.48 14.06
N ALA B 204 -22.27 -1.31 14.30
CA ALA B 204 -21.72 -0.35 15.26
C ALA B 204 -21.58 -0.96 16.66
N GLU B 205 -22.61 -1.67 17.11
CA GLU B 205 -22.58 -2.28 18.44
C GLU B 205 -21.48 -3.33 18.52
N ALA B 206 -21.31 -4.10 17.46
CA ALA B 206 -20.32 -5.17 17.45
C ALA B 206 -18.90 -4.62 17.46
N VAL B 207 -18.66 -3.52 16.76
CA VAL B 207 -17.34 -2.90 16.77
C VAL B 207 -17.02 -2.38 18.16
N GLN B 208 -17.99 -1.72 18.79
CA GLN B 208 -17.82 -1.18 20.12
C GLN B 208 -17.57 -2.30 21.12
N SER B 209 -18.24 -3.44 20.90
CA SER B 209 -18.08 -4.60 21.76
C SER B 209 -16.63 -5.12 21.72
N VAL B 210 -16.02 -5.09 20.53
CA VAL B 210 -14.64 -5.56 20.39
C VAL B 210 -13.68 -4.56 21.02
N ALA B 211 -13.98 -3.27 20.86
CA ALA B 211 -13.16 -2.21 21.43
C ALA B 211 -13.10 -2.34 22.96
N SER B 212 -14.23 -2.71 23.56
CA SER B 212 -14.33 -2.82 25.01
CA SER B 212 -14.33 -2.82 25.01
C SER B 212 -13.72 -4.12 25.52
N ASN B 213 -13.58 -5.10 24.64
CA ASN B 213 -13.04 -6.40 25.03
C ASN B 213 -12.26 -7.03 23.86
N PRO B 214 -11.09 -6.46 23.54
CA PRO B 214 -10.34 -6.86 22.35
C PRO B 214 -9.72 -8.26 22.43
N LEU B 215 -9.41 -8.75 23.62
CA LEU B 215 -8.67 -10.01 23.76
C LEU B 215 -9.52 -11.18 24.26
N GLY B 216 -10.78 -10.93 24.58
CA GLY B 216 -11.68 -11.98 25.04
C GLY B 216 -12.27 -12.74 23.86
N PHE B 217 -12.09 -14.05 23.84
CA PHE B 217 -12.46 -14.86 22.67
C PHE B 217 -13.96 -14.72 22.37
N MET C 1 19.16 -2.05 21.74
CA MET C 1 20.50 -2.16 21.10
C MET C 1 20.58 -3.42 20.24
N LYS C 2 21.74 -3.66 19.65
CA LYS C 2 21.91 -4.79 18.74
C LYS C 2 21.62 -6.12 19.43
N ASN C 3 21.10 -7.07 18.65
CA ASN C 3 20.77 -8.41 19.13
C ASN C 3 19.64 -8.45 20.16
N ASP C 4 19.03 -7.31 20.44
CA ASP C 4 17.86 -7.29 21.32
C ASP C 4 16.67 -7.91 20.59
N LEU C 5 15.87 -8.66 21.34
CA LEU C 5 14.65 -9.25 20.81
C LEU C 5 13.53 -8.21 20.79
N ILE C 6 13.02 -7.92 19.60
CA ILE C 6 11.86 -7.04 19.46
C ILE C 6 10.61 -7.83 19.81
N ARG C 7 10.01 -7.53 20.95
CA ARG C 7 8.87 -8.29 21.44
C ARG C 7 7.63 -8.10 20.57
N PRO C 8 7.06 -9.21 20.06
CA PRO C 8 5.79 -9.12 19.32
C PRO C 8 4.60 -9.11 20.26
N ASN C 9 3.53 -8.41 19.88
CA ASN C 9 2.36 -8.30 20.74
C ASN C 9 1.05 -8.54 20.01
N VAL C 10 0.22 -9.41 20.60
CA VAL C 10 -1.13 -9.64 20.12
C VAL C 10 -1.99 -8.45 20.57
N LEU C 11 -2.82 -7.95 19.66
CA LEU C 11 -3.64 -6.77 19.94
C LEU C 11 -5.11 -7.13 20.15
N SER C 12 -5.57 -8.13 19.42
CA SER C 12 -6.98 -8.54 19.52
CA SER C 12 -6.97 -8.55 19.53
C SER C 12 -7.18 -9.99 19.06
N VAL C 13 -8.15 -10.65 19.68
CA VAL C 13 -8.51 -12.02 19.35
C VAL C 13 -10.00 -12.22 19.55
N LYS C 14 -10.65 -12.86 18.59
CA LYS C 14 -12.08 -13.16 18.69
C LYS C 14 -12.43 -14.48 18.02
N ILE C 15 -13.48 -15.11 18.53
CA ILE C 15 -14.02 -16.31 17.93
C ILE C 15 -15.42 -16.04 17.38
N ILE C 16 -15.66 -16.49 16.16
CA ILE C 16 -16.99 -16.53 15.59
C ILE C 16 -17.42 -17.99 15.59
N SER C 17 -18.30 -18.34 16.51
CA SER C 17 -18.66 -19.74 16.76
C SER C 17 -19.38 -20.36 15.57
N ASN C 18 -20.25 -19.58 14.93
CA ASN C 18 -21.03 -20.05 13.79
C ASN C 18 -21.07 -18.98 12.71
N VAL C 19 -20.10 -19.02 11.82
CA VAL C 19 -19.95 -17.99 10.79
C VAL C 19 -21.17 -17.98 9.86
N SER C 20 -21.60 -16.79 9.48
CA SER C 20 -22.70 -16.63 8.55
C SER C 20 -22.29 -17.14 7.17
N PRO C 21 -23.25 -17.68 6.40
CA PRO C 21 -22.90 -18.22 5.07
C PRO C 21 -22.39 -17.15 4.13
N GLU C 22 -22.84 -15.91 4.31
N GLU C 22 -22.86 -15.91 4.29
CA GLU C 22 -22.39 -14.80 3.48
CA GLU C 22 -22.40 -14.80 3.45
C GLU C 22 -20.90 -14.58 3.65
C GLU C 22 -20.93 -14.47 3.74
N MET C 23 -20.43 -14.59 4.91
N MET C 23 -20.48 -14.63 4.89
CA MET C 23 -19.01 -14.42 5.18
CA MET C 23 -19.06 -14.44 5.15
C MET C 23 -18.22 -15.66 4.79
C MET C 23 -18.26 -15.66 4.74
N ALA C 24 -18.82 -16.83 4.97
CA ALA C 24 -18.18 -18.08 4.61
C ALA C 24 -17.88 -18.12 3.12
N LYS C 25 -18.82 -17.62 2.32
CA LYS C 25 -18.64 -17.60 0.87
C LYS C 25 -17.52 -16.66 0.45
N LYS C 26 -17.51 -15.44 1.00
CA LYS C 26 -16.51 -14.45 0.62
C LYS C 26 -15.10 -14.86 1.02
N LEU C 27 -14.98 -15.63 2.11
CA LEU C 27 -13.68 -16.10 2.57
C LEU C 27 -13.31 -17.42 1.91
N GLU C 28 -14.20 -17.93 1.06
CA GLU C 28 -13.99 -19.20 0.38
C GLU C 28 -13.69 -20.32 1.36
N LEU C 29 -14.47 -20.38 2.44
CA LEU C 29 -14.32 -21.40 3.46
C LEU C 29 -14.68 -22.77 2.92
N GLU C 30 -14.02 -23.80 3.43
CA GLU C 30 -14.37 -25.17 3.08
C GLU C 30 -15.73 -25.49 3.70
N PRO C 31 -16.46 -26.46 3.13
CA PRO C 31 -17.81 -26.77 3.60
C PRO C 31 -17.89 -27.13 5.09
N HIS C 32 -16.78 -27.59 5.67
CA HIS C 32 -16.77 -28.02 7.06
C HIS C 32 -16.30 -26.93 8.01
N HIS C 33 -15.85 -25.80 7.45
CA HIS C 33 -15.46 -24.65 8.27
C HIS C 33 -16.69 -23.92 8.79
N LYS C 34 -16.95 -24.06 10.09
CA LYS C 34 -18.14 -23.45 10.71
C LYS C 34 -17.76 -22.34 11.69
N SER C 35 -16.53 -22.38 12.20
CA SER C 35 -16.08 -21.41 13.19
C SER C 35 -14.80 -20.73 12.74
N LEU C 36 -14.67 -19.45 13.07
CA LEU C 36 -13.48 -18.68 12.73
C LEU C 36 -12.80 -18.15 13.98
N GLY C 37 -11.47 -18.13 13.94
CA GLY C 37 -10.67 -17.47 14.96
C GLY C 37 -9.91 -16.32 14.34
N LEU C 38 -10.25 -15.10 14.77
CA LEU C 38 -9.62 -13.89 14.25
C LEU C 38 -8.53 -13.42 15.19
N ILE C 39 -7.43 -12.92 14.63
CA ILE C 39 -6.34 -12.40 15.45
C ILE C 39 -5.59 -11.28 14.73
N THR C 40 -5.19 -10.26 15.49
CA THR C 40 -4.30 -9.23 14.98
C THR C 40 -3.16 -9.00 15.96
N ALA C 41 -2.03 -8.53 15.43
CA ALA C 41 -0.82 -8.33 16.21
C ALA C 41 0.02 -7.25 15.55
N ASP C 42 1.12 -6.85 16.20
CA ASP C 42 1.96 -5.77 15.68
C ASP C 42 3.20 -6.28 14.96
N CYS C 43 3.21 -7.57 14.63
CA CYS C 43 4.32 -8.18 13.90
C CYS C 43 3.79 -9.30 13.01
N ASP C 44 3.84 -9.11 11.70
CA ASP C 44 3.12 -10.01 10.80
C ASP C 44 3.79 -11.39 10.64
N ASP C 45 5.11 -11.42 10.46
CA ASP C 45 5.78 -12.68 10.16
C ASP C 45 5.83 -13.63 11.35
N VAL C 46 5.92 -13.08 12.56
CA VAL C 46 5.82 -13.89 13.77
C VAL C 46 4.44 -14.54 13.84
N THR C 47 3.42 -13.73 13.56
CA THR C 47 2.04 -14.21 13.57
C THR C 47 1.81 -15.28 12.51
N TYR C 48 2.43 -15.10 11.34
CA TYR C 48 2.30 -16.10 10.28
C TYR C 48 2.94 -17.41 10.72
N THR C 49 4.08 -17.31 11.40
CA THR C 49 4.74 -18.48 11.96
C THR C 49 3.85 -19.12 13.02
N ALA C 50 3.25 -18.27 13.85
CA ALA C 50 2.39 -18.72 14.94
C ALA C 50 1.13 -19.41 14.41
N LEU C 51 0.57 -18.86 13.35
CA LEU C 51 -0.62 -19.43 12.74
C LEU C 51 -0.32 -20.80 12.16
N ASP C 52 0.89 -20.96 11.61
CA ASP C 52 1.32 -22.25 11.11
C ASP C 52 1.41 -23.26 12.24
N GLU C 53 1.91 -22.82 13.39
CA GLU C 53 2.03 -23.67 14.57
C GLU C 53 0.65 -24.14 15.04
N ALA C 54 -0.35 -23.28 14.86
CA ALA C 54 -1.72 -23.62 15.27
C ALA C 54 -2.26 -24.81 14.48
N THR C 55 -1.90 -24.91 13.20
CA THR C 55 -2.40 -25.97 12.34
C THR C 55 -1.85 -27.34 12.76
N LYS C 56 -0.81 -27.33 13.56
CA LYS C 56 -0.23 -28.56 14.09
C LYS C 56 -0.89 -28.96 15.41
N ALA C 57 -1.53 -27.99 16.06
CA ALA C 57 -2.05 -28.18 17.41
C ALA C 57 -3.54 -28.50 17.45
N ALA C 58 -4.25 -28.17 16.38
CA ALA C 58 -5.71 -28.32 16.35
C ALA C 58 -6.21 -28.49 14.92
N GLU C 59 -7.47 -28.87 14.79
CA GLU C 59 -8.08 -29.05 13.48
C GLU C 59 -8.53 -27.69 12.94
N VAL C 60 -7.56 -26.88 12.55
CA VAL C 60 -7.83 -25.57 11.96
C VAL C 60 -7.00 -25.34 10.72
N ASP C 61 -7.52 -24.53 9.81
CA ASP C 61 -6.80 -24.10 8.63
C ASP C 61 -6.65 -22.59 8.63
N VAL C 62 -5.52 -22.11 8.12
CA VAL C 62 -5.34 -20.68 7.89
C VAL C 62 -6.05 -20.32 6.59
N VAL C 63 -7.11 -19.53 6.70
CA VAL C 63 -7.92 -19.19 5.52
C VAL C 63 -7.74 -17.74 5.10
N TYR C 64 -7.12 -16.95 5.98
CA TYR C 64 -6.86 -15.54 5.70
C TYR C 64 -5.63 -15.08 6.46
N ALA C 65 -4.80 -14.29 5.80
CA ALA C 65 -3.54 -13.83 6.40
C ALA C 65 -2.94 -12.70 5.56
N ARG C 66 -3.11 -11.46 6.03
CA ARG C 66 -2.62 -10.28 5.30
C ARG C 66 -1.93 -9.29 6.21
N SER C 67 -0.96 -8.57 5.67
CA SER C 67 -0.23 -7.54 6.40
C SER C 67 -0.80 -6.16 6.09
N MET C 68 -0.55 -5.20 6.98
CA MET C 68 -1.05 -3.83 6.80
C MET C 68 0.01 -2.93 6.15
N TYR C 69 -0.44 -2.01 5.31
CA TYR C 69 0.44 -1.08 4.63
C TYR C 69 1.22 -0.20 5.60
N ALA C 70 2.55 -0.21 5.43
CA ALA C 70 3.49 0.64 6.17
C ALA C 70 3.71 0.21 7.62
N GLY C 71 3.20 -0.95 7.98
CA GLY C 71 3.56 -1.58 9.24
C GLY C 71 2.89 -1.03 10.48
N ALA C 72 3.19 -1.66 11.62
CA ALA C 72 2.51 -1.37 12.87
C ALA C 72 2.78 0.05 13.38
N GLY C 73 3.96 0.56 13.10
CA GLY C 73 4.34 1.89 13.56
C GLY C 73 3.48 2.98 12.95
N ASN C 74 2.80 2.67 11.84
CA ASN C 74 1.97 3.63 11.13
C ASN C 74 0.48 3.29 11.18
N ALA C 75 0.11 2.37 12.08
CA ALA C 75 -1.30 2.03 12.27
C ALA C 75 -2.09 3.27 12.66
N SER C 76 -3.31 3.39 12.15
CA SER C 76 -4.16 4.54 12.44
C SER C 76 -5.19 4.22 13.51
N THR C 77 -5.31 2.93 13.85
CA THR C 77 -6.22 2.50 14.90
C THR C 77 -5.56 1.49 15.83
N LYS C 78 -6.16 1.31 17.00
CA LYS C 78 -5.56 0.58 18.10
C LYS C 78 -5.32 -0.92 17.84
N LEU C 79 -6.26 -1.56 17.13
CA LEU C 79 -6.23 -3.01 16.99
C LEU C 79 -5.81 -3.49 15.60
N ALA C 80 -5.48 -2.56 14.70
CA ALA C 80 -5.10 -2.93 13.34
C ALA C 80 -3.74 -3.60 13.30
N GLY C 81 -2.79 -3.07 14.07
CA GLY C 81 -1.44 -3.59 14.06
C GLY C 81 -0.86 -3.60 12.66
N GLU C 82 -0.27 -4.72 12.26
CA GLU C 82 0.21 -4.88 10.90
C GLU C 82 -0.12 -6.25 10.33
N VAL C 83 -1.05 -6.96 10.95
CA VAL C 83 -1.47 -8.26 10.46
C VAL C 83 -2.84 -8.66 10.96
N ILE C 84 -3.62 -9.28 10.08
CA ILE C 84 -4.83 -9.99 10.48
C ILE C 84 -4.73 -11.42 9.98
N GLY C 85 -5.02 -12.37 10.87
CA GLY C 85 -5.04 -13.77 10.52
C GLY C 85 -6.39 -14.36 10.87
N ILE C 86 -6.81 -15.36 10.10
CA ILE C 86 -8.07 -16.04 10.36
C ILE C 86 -7.89 -17.54 10.27
N LEU C 87 -8.16 -18.22 11.38
CA LEU C 87 -8.20 -19.67 11.42
C LEU C 87 -9.65 -20.12 11.21
N ALA C 88 -9.82 -21.25 10.52
CA ALA C 88 -11.15 -21.83 10.33
C ALA C 88 -11.13 -23.28 10.78
N GLY C 89 -12.18 -23.69 11.49
CA GLY C 89 -12.28 -25.04 12.01
C GLY C 89 -13.72 -25.51 12.09
N PRO C 90 -13.92 -26.81 12.39
CA PRO C 90 -15.27 -27.39 12.43
C PRO C 90 -16.06 -27.01 13.67
N SER C 91 -15.42 -26.38 14.66
CA SER C 91 -16.09 -26.04 15.91
C SER C 91 -15.38 -24.92 16.64
N PRO C 92 -16.09 -24.24 17.57
CA PRO C 92 -15.45 -23.22 18.38
C PRO C 92 -14.31 -23.77 19.24
N ALA C 93 -14.44 -25.02 19.67
CA ALA C 93 -13.44 -25.66 20.51
C ALA C 93 -12.12 -25.83 19.75
N GLU C 94 -12.20 -26.22 18.49
CA GLU C 94 -10.99 -26.40 17.67
C GLU C 94 -10.33 -25.05 17.39
N VAL C 95 -11.14 -24.02 17.16
CA VAL C 95 -10.62 -22.68 16.93
C VAL C 95 -9.94 -22.16 18.19
N ARG C 96 -10.57 -22.39 19.34
CA ARG C 96 -9.98 -21.98 20.61
C ARG C 96 -8.62 -22.63 20.82
N SER C 97 -8.56 -23.94 20.60
CA SER C 97 -7.30 -24.67 20.69
C SER C 97 -6.28 -24.10 19.72
N GLY C 98 -6.75 -23.76 18.52
CA GLY C 98 -5.88 -23.17 17.51
C GLY C 98 -5.35 -21.81 17.92
N LEU C 99 -6.25 -20.94 18.37
CA LEU C 99 -5.88 -19.60 18.80
C LEU C 99 -4.93 -19.64 19.99
N ASN C 100 -5.15 -20.58 20.91
N ASN C 100 -5.19 -20.56 20.91
CA ASN C 100 -4.29 -20.65 22.08
CA ASN C 100 -4.35 -20.77 22.08
C ASN C 100 -2.88 -21.12 21.73
C ASN C 100 -2.92 -21.07 21.66
N ALA C 101 -2.77 -22.00 20.73
CA ALA C 101 -1.46 -22.39 20.23
C ALA C 101 -0.79 -21.20 19.55
N THR C 102 -1.59 -20.36 18.90
CA THR C 102 -1.08 -19.17 18.23
C THR C 102 -0.54 -18.17 19.24
N LEU C 103 -1.33 -17.90 20.28
CA LEU C 103 -0.95 -16.95 21.32
C LEU C 103 0.32 -17.38 22.04
N ASP C 104 0.37 -18.65 22.42
CA ASP C 104 1.52 -19.18 23.15
C ASP C 104 2.81 -19.04 22.33
N PHE C 105 2.72 -19.28 21.02
CA PHE C 105 3.90 -19.21 20.18
C PHE C 105 4.42 -17.78 20.05
N ILE C 106 3.49 -16.83 19.89
CA ILE C 106 3.85 -15.43 19.77
C ILE C 106 4.57 -14.95 21.03
N ASP C 107 4.19 -15.51 22.17
CA ASP C 107 4.77 -15.13 23.46
C ASP C 107 5.85 -16.11 23.90
N SER C 108 6.38 -16.91 22.97
CA SER C 108 7.34 -17.96 23.32
C SER C 108 8.78 -17.48 23.31
N GLY C 109 9.01 -16.27 22.82
CA GLY C 109 10.35 -15.71 22.73
C GLY C 109 10.79 -15.44 21.31
N VAL C 110 9.96 -15.84 20.35
N VAL C 110 9.98 -15.85 20.34
CA VAL C 110 10.23 -15.60 18.94
CA VAL C 110 10.29 -15.59 18.94
C VAL C 110 10.03 -14.12 18.61
C VAL C 110 10.05 -14.12 18.63
N GLY C 111 10.75 -13.62 17.61
CA GLY C 111 10.59 -12.25 17.18
C GLY C 111 11.71 -11.72 16.32
N PHE C 112 11.50 -10.53 15.77
CA PHE C 112 12.54 -9.84 15.02
C PHE C 112 13.68 -9.47 15.96
N VAL C 113 14.90 -9.46 15.43
CA VAL C 113 16.09 -9.10 16.19
C VAL C 113 16.62 -7.75 15.71
N SER C 114 17.08 -6.92 16.65
CA SER C 114 17.63 -5.62 16.33
C SER C 114 19.03 -5.74 15.75
N ALA C 115 19.34 -4.88 14.77
CA ALA C 115 20.62 -4.92 14.08
C ALA C 115 21.55 -3.77 14.47
N ASN C 116 21.03 -2.79 15.22
CA ASN C 116 21.84 -1.65 15.63
C ASN C 116 21.40 -1.07 16.99
N GLU C 117 22.05 0.02 17.39
CA GLU C 117 21.91 0.56 18.75
C GLU C 117 20.50 1.11 19.05
N ASP C 118 19.89 1.77 18.06
CA ASP C 118 18.58 2.37 18.27
C ASP C 118 17.45 1.50 17.69
N ASP C 119 17.78 0.26 17.34
CA ASP C 119 16.82 -0.69 16.80
C ASP C 119 16.10 -0.16 15.57
N SER C 120 16.77 0.72 14.81
CA SER C 120 16.18 1.28 13.60
C SER C 120 16.28 0.31 12.43
N ILE C 121 17.04 -0.78 12.63
CA ILE C 121 17.11 -1.86 11.66
C ILE C 121 16.90 -3.19 12.38
N CYS C 122 15.94 -3.97 11.90
CA CYS C 122 15.64 -5.26 12.51
C CYS C 122 15.43 -6.32 11.42
N TYR C 123 15.50 -7.58 11.83
CA TYR C 123 15.36 -8.69 10.88
C TYR C 123 14.76 -9.91 11.56
N TYR C 124 14.25 -10.83 10.73
CA TYR C 124 13.65 -12.07 11.19
C TYR C 124 14.39 -13.23 10.54
N ALA C 125 14.96 -14.12 11.35
CA ALA C 125 15.71 -15.26 10.85
C ALA C 125 15.27 -16.51 11.61
N GLN C 126 14.04 -16.92 11.38
CA GLN C 126 13.43 -18.02 12.14
C GLN C 126 13.57 -19.35 11.42
N CYS C 127 14.16 -20.32 12.10
CA CYS C 127 14.24 -21.68 11.59
C CYS C 127 13.00 -22.47 12.02
N VAL C 128 12.10 -22.72 11.07
CA VAL C 128 10.91 -23.52 11.32
C VAL C 128 11.26 -24.99 11.08
N SER C 129 11.55 -25.70 12.17
CA SER C 129 12.05 -27.06 12.06
C SER C 129 11.00 -28.05 11.54
N ARG C 130 9.72 -27.72 11.75
CA ARG C 130 8.64 -28.61 11.36
C ARG C 130 7.39 -27.82 10.96
N THR C 131 7.26 -27.55 9.66
CA THR C 131 6.14 -26.77 9.15
C THR C 131 4.80 -27.46 9.35
N GLY C 132 3.76 -26.66 9.60
CA GLY C 132 2.40 -27.15 9.62
C GLY C 132 1.81 -27.10 8.23
N SER C 133 0.49 -27.04 8.14
CA SER C 133 -0.20 -27.08 6.86
C SER C 133 -0.15 -25.74 6.13
N TYR C 134 0.06 -24.67 6.87
CA TYR C 134 0.00 -23.32 6.29
C TYR C 134 1.28 -22.94 5.55
N LEU C 135 2.41 -22.91 6.25
CA LEU C 135 3.67 -22.52 5.61
C LEU C 135 4.19 -23.58 4.66
N SER C 136 3.79 -24.83 4.86
CA SER C 136 4.18 -25.90 3.96
C SER C 136 3.52 -25.69 2.60
N LYS C 137 2.23 -25.37 2.62
CA LYS C 137 1.48 -25.06 1.41
C LYS C 137 2.05 -23.82 0.73
N THR C 138 2.34 -22.81 1.53
CA THR C 138 2.84 -21.53 1.04
C THR C 138 4.21 -21.70 0.39
N ALA C 139 5.04 -22.57 0.94
CA ALA C 139 6.37 -22.82 0.42
C ALA C 139 6.36 -23.88 -0.68
N GLY C 140 5.26 -24.60 -0.80
CA GLY C 140 5.14 -25.66 -1.78
C GLY C 140 5.96 -26.88 -1.41
N ILE C 141 6.03 -27.17 -0.11
CA ILE C 141 6.75 -28.34 0.39
C ILE C 141 5.80 -29.26 1.17
N ARG C 142 6.31 -30.43 1.57
CA ARG C 142 5.54 -31.38 2.36
C ARG C 142 5.45 -30.92 3.82
N GLU C 143 4.29 -31.14 4.43
N GLU C 143 4.29 -31.15 4.42
CA GLU C 143 4.11 -30.81 5.85
CA GLU C 143 4.09 -30.86 5.84
C GLU C 143 5.13 -31.56 6.68
C GLU C 143 5.15 -31.57 6.67
N GLY C 144 5.75 -30.86 7.62
CA GLY C 144 6.77 -31.43 8.48
C GLY C 144 8.18 -31.03 8.07
N GLU C 145 8.35 -30.66 6.81
N GLU C 145 8.36 -30.65 6.80
CA GLU C 145 9.65 -30.24 6.30
CA GLU C 145 9.67 -30.25 6.31
C GLU C 145 10.07 -28.91 6.92
C GLU C 145 10.07 -28.91 6.89
N ALA C 146 11.38 -28.66 6.95
CA ALA C 146 11.91 -27.45 7.58
C ALA C 146 11.95 -26.26 6.65
N LEU C 147 11.89 -25.06 7.23
CA LEU C 147 12.02 -23.81 6.49
C LEU C 147 12.93 -22.83 7.20
N ALA C 148 13.62 -22.02 6.41
CA ALA C 148 14.27 -20.81 6.90
C ALA C 148 13.37 -19.64 6.55
N TYR C 149 12.88 -18.94 7.57
CA TYR C 149 11.96 -17.82 7.39
C TYR C 149 12.75 -16.52 7.57
N LEU C 150 13.16 -15.93 6.45
CA LEU C 150 14.08 -14.80 6.45
C LEU C 150 13.39 -13.51 6.02
N VAL C 151 13.46 -12.49 6.88
CA VAL C 151 12.84 -11.20 6.57
C VAL C 151 13.73 -10.05 7.06
N ALA C 152 13.82 -9.01 6.23
CA ALA C 152 14.58 -7.81 6.56
C ALA C 152 14.13 -6.68 5.64
N PRO C 153 14.59 -5.44 5.91
CA PRO C 153 14.26 -4.36 4.99
C PRO C 153 14.81 -4.62 3.59
N PRO C 154 14.27 -3.92 2.57
CA PRO C 154 14.50 -4.23 1.15
C PRO C 154 15.95 -4.54 0.77
N LEU C 155 16.88 -3.61 0.96
CA LEU C 155 18.25 -3.82 0.51
C LEU C 155 18.94 -4.90 1.35
N GLU C 156 18.82 -4.79 2.67
CA GLU C 156 19.40 -5.77 3.57
C GLU C 156 18.92 -7.17 3.21
N ALA C 157 17.63 -7.28 2.90
CA ALA C 157 17.02 -8.57 2.57
C ALA C 157 17.65 -9.17 1.32
N MET C 158 17.75 -8.39 0.26
CA MET C 158 18.31 -8.87 -1.00
C MET C 158 19.76 -9.31 -0.82
N TYR C 159 20.52 -8.52 -0.08
CA TYR C 159 21.93 -8.79 0.17
C TYR C 159 22.08 -10.04 1.05
N ALA C 160 21.30 -10.10 2.12
CA ALA C 160 21.41 -11.18 3.08
C ALA C 160 20.85 -12.49 2.53
N LEU C 161 19.86 -12.39 1.64
N LEU C 161 19.87 -12.39 1.62
CA LEU C 161 19.30 -13.58 1.01
CA LEU C 161 19.28 -13.56 0.99
C LEU C 161 20.34 -14.28 0.14
C LEU C 161 20.30 -14.26 0.11
N ASP C 162 21.12 -13.48 -0.58
CA ASP C 162 22.17 -14.02 -1.43
C ASP C 162 23.24 -14.71 -0.59
N ALA C 163 23.57 -14.10 0.55
CA ALA C 163 24.53 -14.68 1.48
C ALA C 163 24.01 -16.00 2.04
N ALA C 164 22.72 -16.04 2.37
CA ALA C 164 22.11 -17.23 2.96
C ALA C 164 22.10 -18.38 1.97
N LEU C 165 21.74 -18.10 0.73
CA LEU C 165 21.66 -19.11 -0.32
C LEU C 165 23.02 -19.74 -0.60
N LYS C 166 24.08 -18.96 -0.40
CA LYS C 166 25.44 -19.45 -0.62
C LYS C 166 26.01 -20.16 0.61
N ALA C 167 25.45 -19.86 1.77
CA ALA C 167 25.99 -20.36 3.03
C ALA C 167 25.55 -21.79 3.32
N ALA C 168 24.46 -22.23 2.71
CA ALA C 168 23.90 -23.55 3.02
C ALA C 168 23.21 -24.16 1.81
N ASP C 169 22.98 -25.48 1.88
CA ASP C 169 22.28 -26.19 0.81
C ASP C 169 20.78 -26.02 0.97
N VAL C 170 20.25 -24.94 0.39
CA VAL C 170 18.84 -24.61 0.51
C VAL C 170 18.26 -24.13 -0.82
N GLU C 171 16.96 -24.35 -1.00
CA GLU C 171 16.25 -23.92 -2.19
C GLU C 171 15.26 -22.81 -1.84
N MET C 172 15.09 -21.85 -2.74
CA MET C 172 14.11 -20.79 -2.52
C MET C 172 12.71 -21.32 -2.84
N CYS C 173 11.79 -21.11 -1.91
CA CYS C 173 10.42 -21.62 -2.04
C CYS C 173 9.46 -20.49 -2.38
N GLU C 174 9.57 -19.38 -1.66
CA GLU C 174 8.76 -18.21 -1.93
CA GLU C 174 8.76 -18.20 -1.91
C GLU C 174 9.57 -16.93 -1.70
N PHE C 175 9.47 -16.01 -2.65
CA PHE C 175 10.20 -14.75 -2.61
C PHE C 175 9.27 -13.61 -2.19
N PHE C 176 9.62 -12.94 -1.10
CA PHE C 176 8.89 -11.76 -0.66
C PHE C 176 9.49 -10.53 -1.33
N ALA C 177 9.02 -10.23 -2.52
CA ALA C 177 9.60 -9.16 -3.32
C ALA C 177 9.38 -7.78 -2.68
N PRO C 178 10.44 -6.98 -2.53
CA PRO C 178 10.26 -5.67 -1.90
C PRO C 178 9.45 -4.70 -2.76
N PRO C 179 8.47 -4.01 -2.17
CA PRO C 179 8.02 -4.06 -0.77
C PRO C 179 6.90 -5.05 -0.51
N THR C 180 6.92 -5.66 0.66
CA THR C 180 5.70 -6.25 1.21
C THR C 180 4.85 -5.08 1.66
N GLU C 181 3.66 -5.34 2.19
CA GLU C 181 2.81 -4.26 2.67
C GLU C 181 3.53 -3.45 3.74
N THR C 182 4.36 -4.11 4.54
CA THR C 182 5.08 -3.46 5.62
C THR C 182 6.41 -2.85 5.16
N ASN C 183 6.67 -2.90 3.85
CA ASN C 183 7.91 -2.40 3.28
C ASN C 183 9.12 -3.19 3.78
N PHE C 184 8.93 -4.50 3.90
CA PHE C 184 10.01 -5.43 4.18
C PHE C 184 10.18 -6.35 2.98
N ALA C 185 11.04 -7.34 3.11
CA ALA C 185 11.26 -8.32 2.06
C ALA C 185 11.95 -9.53 2.64
N GLY C 186 12.11 -10.58 1.84
CA GLY C 186 12.78 -11.78 2.29
C GLY C 186 12.33 -13.00 1.51
N ALA C 187 12.39 -14.16 2.14
CA ALA C 187 12.00 -15.39 1.49
C ALA C 187 11.81 -16.54 2.45
N LEU C 188 11.19 -17.61 1.95
CA LEU C 188 11.18 -18.89 2.63
C LEU C 188 12.12 -19.83 1.88
N LEU C 189 13.13 -20.34 2.60
CA LEU C 189 14.06 -21.30 2.04
C LEU C 189 13.85 -22.64 2.73
N THR C 190 14.04 -23.73 1.98
CA THR C 190 13.91 -25.07 2.56
C THR C 190 15.17 -25.88 2.37
N GLY C 191 15.24 -26.99 3.11
CA GLY C 191 16.40 -27.85 3.12
C GLY C 191 16.35 -28.63 4.42
N SER C 192 17.45 -29.27 4.78
CA SER C 192 17.52 -29.98 6.06
C SER C 192 17.40 -28.98 7.21
N GLN C 193 17.18 -29.49 8.40
CA GLN C 193 17.01 -28.65 9.58
C GLN C 193 18.29 -27.85 9.86
N SER C 194 19.43 -28.49 9.67
CA SER C 194 20.72 -27.83 9.88
C SER C 194 21.01 -26.83 8.77
N ALA C 195 20.66 -27.20 7.54
CA ALA C 195 20.89 -26.34 6.39
C ALA C 195 20.09 -25.03 6.53
N CYS C 196 18.87 -25.14 7.03
CA CYS C 196 18.03 -23.97 7.25
C CYS C 196 18.58 -23.11 8.38
N LYS C 197 19.13 -23.74 9.40
CA LYS C 197 19.69 -23.01 10.54
C LYS C 197 20.92 -22.22 10.10
N ALA C 198 21.75 -22.84 9.27
CA ALA C 198 22.93 -22.17 8.73
C ALA C 198 22.52 -20.97 7.89
N ALA C 199 21.41 -21.10 7.18
CA ALA C 199 20.90 -20.01 6.36
C ALA C 199 20.42 -18.86 7.24
N CYS C 200 19.75 -19.20 8.33
CA CYS C 200 19.31 -18.19 9.29
C CYS C 200 20.50 -17.43 9.88
N ASP C 201 21.57 -18.17 10.19
CA ASP C 201 22.75 -17.57 10.77
C ASP C 201 23.44 -16.63 9.78
N ALA C 202 23.58 -17.08 8.53
CA ALA C 202 24.22 -16.29 7.50
C ALA C 202 23.39 -15.05 7.17
N PHE C 203 22.07 -15.22 7.17
CA PHE C 203 21.16 -14.11 6.90
C PHE C 203 21.30 -13.04 7.97
N ALA C 204 21.22 -13.46 9.23
CA ALA C 204 21.32 -12.54 10.37
C ALA C 204 22.64 -11.79 10.36
N GLU C 205 23.73 -12.51 10.06
CA GLU C 205 25.05 -11.92 10.00
C GLU C 205 25.12 -10.86 8.90
N ALA C 206 24.60 -11.22 7.73
CA ALA C 206 24.65 -10.33 6.57
C ALA C 206 23.86 -9.04 6.80
N VAL C 207 22.69 -9.15 7.42
CA VAL C 207 21.88 -7.97 7.71
C VAL C 207 22.62 -7.03 8.65
N GLN C 208 23.25 -7.59 9.68
CA GLN C 208 23.98 -6.79 10.66
C GLN C 208 25.17 -6.09 10.01
N SER C 209 25.80 -6.76 9.05
CA SER C 209 26.93 -6.19 8.33
C SER C 209 26.53 -4.92 7.58
N VAL C 210 25.36 -4.96 6.96
CA VAL C 210 24.85 -3.79 6.24
C VAL C 210 24.49 -2.68 7.22
N ALA C 211 23.85 -3.04 8.32
CA ALA C 211 23.42 -2.08 9.33
C ALA C 211 24.61 -1.28 9.87
N SER C 212 25.76 -1.94 10.01
CA SER C 212 26.95 -1.31 10.58
C SER C 212 27.81 -0.64 9.52
N ASN C 213 27.41 -0.76 8.25
CA ASN C 213 28.15 -0.17 7.14
C ASN C 213 27.25 0.00 5.92
N PRO C 214 26.17 0.79 6.07
CA PRO C 214 25.11 0.90 5.06
C PRO C 214 25.59 1.40 3.70
N LEU C 215 26.29 2.52 3.68
CA LEU C 215 26.74 3.12 2.43
C LEU C 215 28.06 2.53 1.96
N GLY C 216 29.09 2.62 2.80
CA GLY C 216 30.40 2.07 2.47
C GLY C 216 31.00 2.74 1.24
NA NA D . 3.55 7.84 10.02
CO B12 E . -19.17 -33.86 6.15
N21 B12 E . -19.61 -33.63 4.34
N22 B12 E . -17.95 -35.25 5.67
N23 B12 E . -18.97 -34.05 8.05
N24 B12 E . -20.32 -32.39 6.41
C1 B12 E . -20.80 -32.84 4.02
C20 B12 E . -22.02 -33.69 4.28
C2 B12 E . -20.57 -32.41 2.52
C25 B12 E . -21.87 -32.24 1.70
C26 B12 E . -19.68 -31.13 2.38
C27 B12 E . -19.38 -30.62 0.95
O28 B12 E . -20.20 -29.88 0.39
N29 B12 E . -18.24 -30.99 0.39
C3 B12 E . -19.65 -33.57 2.00
C30 B12 E . -20.34 -34.80 1.41
C31 B12 E . -20.47 -34.77 -0.11
C32 B12 E . -20.43 -36.15 -0.73
O34 B12 E . -21.37 -36.94 -0.57
N33 B12 E . -19.35 -36.44 -1.42
C4 B12 E . -18.97 -34.00 3.28
C5 B12 E . -17.68 -34.74 3.32
C35 B12 E . -16.90 -34.75 2.05
C6 B12 E . -17.25 -35.33 4.48
C7 B12 E . -15.95 -36.11 4.71
C36 B12 E . -15.57 -37.03 3.52
C37 B12 E . -14.83 -35.07 5.00
C38 B12 E . -13.47 -35.76 5.07
O39 B12 E . -12.77 -35.87 4.06
N40 B12 E . -13.09 -36.22 6.26
C8 B12 E . -16.28 -36.91 6.00
C41 B12 E . -17.03 -38.25 5.87
C42 B12 E . -16.57 -39.30 6.88
C43 B12 E . -16.78 -38.88 8.32
O44 B12 E . -15.82 -38.64 9.06
N45 B12 E . -18.04 -38.79 8.73
C9 B12 E . -17.21 -35.89 6.62
C10 B12 E . -17.18 -35.67 7.99
C11 B12 E . -18.02 -34.78 8.65
C12 B12 E . -17.96 -34.54 10.15
C46 B12 E . -16.94 -33.45 10.49
C47 B12 E . -17.61 -35.81 10.94
C13 B12 E . -19.37 -33.93 10.43
C48 B12 E . -20.48 -34.94 10.74
C49 B12 E . -20.61 -35.30 12.21
C50 B12 E . -21.29 -34.22 13.04
O51 B12 E . -20.83 -33.08 13.08
N52 B12 E . -22.35 -34.60 13.73
C14 B12 E . -19.70 -33.34 9.03
C15 B12 E . -20.55 -32.29 8.84
C53 B12 E . -21.19 -31.59 10.01
C16 B12 E . -20.88 -31.80 7.45
C17 B12 E . -21.81 -30.65 7.07
C54 B12 E . -21.05 -29.33 7.35
C55 B12 E . -23.20 -30.57 7.75
C56 B12 E . -23.93 -31.89 7.94
C57 B12 E . -25.38 -31.55 8.18
O58 B12 E . -25.71 -30.85 9.13
N59 B12 E . -26.25 -32.02 7.29
C18 B12 E . -22.01 -30.93 5.56
C60 B12 E . -22.24 -29.73 4.62
C61 B12 E . -23.60 -29.08 4.77
O63 B12 E . -24.63 -29.75 4.68
N62 B12 E . -23.60 -27.78 4.99
C19 B12 E . -20.75 -31.72 5.16
C1P B12 E . -27.67 -31.70 7.32
C2P B12 E . -28.43 -32.47 8.45
C3P B12 E . -29.90 -32.13 8.38
O3 B12 E . -28.31 -33.85 8.21
O4 B12 E . -28.15 -34.84 10.65
O5 B12 E . -28.22 -36.31 8.60
P B12 E . -27.77 -34.98 9.21
O2 B12 E . -26.20 -34.89 8.92
C3R B12 E . -25.26 -35.97 8.96
C2R B12 E . -24.61 -36.33 7.63
O7R B12 E . -24.51 -35.19 6.78
C1R B12 E . -23.22 -36.79 8.10
O6R B12 E . -23.04 -36.50 9.47
C4R B12 E . -24.08 -35.59 9.86
C5R B12 E . -24.32 -35.71 11.35
O8R B12 E . -24.67 -34.44 11.91
N1B B12 E . -22.00 -36.63 7.30
C8B B12 E . -21.68 -37.37 6.18
C2B B12 E . -21.16 -35.54 7.30
N3B B12 E . -20.34 -35.53 6.28
C9B B12 E . -20.65 -36.68 5.56
C4B B12 E . -20.09 -37.19 4.39
C5B B12 E . -20.55 -38.38 3.86
C5M B12 E . -19.92 -38.92 2.60
C6B B12 E . -21.61 -39.07 4.50
C6M B12 E . -22.12 -40.39 3.95
C7B B12 E . -22.17 -38.55 5.66
#